data_6WH4
#
_entry.id   6WH4
#
_cell.length_a   82.380
_cell.length_b   177.310
_cell.length_c   280.590
_cell.angle_alpha   90.000
_cell.angle_beta   90.000
_cell.angle_gamma   90.000
#
_symmetry.space_group_name_H-M   'C 2 2 21'
#
loop_
_entity.id
_entity.type
_entity.pdbx_description
1 polymer '5-hydroxytryptamine receptor 2A,Soluble cytochrome b562 fusion'
2 non-polymer 1-methyl-4-[(5~{S})-3-methylsulfanyl-5,6-dihydrobenzo[b][1]benzothiepin-5-yl]piperazine
3 non-polymer 'OLEIC ACID'
4 non-polymer CHOLESTEROL
5 non-polymer DI(HYDROXYETHYL)ETHER
6 non-polymer 'ETHYL DIMETHYL AMMONIO PROPANE SULFONATE'
7 non-polymer 'PENTAETHYLENE GLYCOL'
#
_entity_poly.entity_id   1
_entity_poly.type   'polypeptide(L)'
_entity_poly.pdbx_seq_one_letter_code
;MKTIIALSYIFCLVFADYKDDDDGAPLSLLHLQEKNWSALLTAVVIILTIAGNILVIMAVSLEKKLQNATNYFLMSLAIA
DMLLGFLVMPVSMLTILYGYRWPLPSKLCAVWIYLDVLFSTASIMHLCAISLDRYVAIQNPIHHSRFNSRTKAFLKIIAV
WTISVGISMPIPVFGLQDDSKVFKEGSCLLADDNFVLIGSFVSFFIPATIMVITYFLTIKSLQKEAADLEDNWETLNDNL
KVIEKADNAAQVKDALTKMRAAALDAQKATPPKLEDKSPDSPEMKDFRHGFDILVGQIDDALKLANEGKVKEAQAAAEQL
KTTRNAYIQKYLTMQSISNEQKACKVLGIVFFLFVVMWCPFFITNIMAVICKESCNEDVIGALLNVFVWIGYASSAVNPL
VYTLFNKTYRSAFSRYIQCQYKENKKPGRPLEVLFQGPHHHHHHHHHH
;
_entity_poly.pdbx_strand_id   A,B,C
#
# COMPACT_ATOMS: atom_id res chain seq x y z
N LEU A 32 14.15 29.68 -18.60
CA LEU A 32 12.71 29.52 -18.84
C LEU A 32 12.25 28.07 -18.67
N GLN A 33 13.18 27.14 -18.47
CA GLN A 33 12.83 25.74 -18.22
C GLN A 33 12.11 25.57 -16.89
N GLU A 34 12.47 26.41 -15.91
CA GLU A 34 11.87 26.42 -14.58
C GLU A 34 10.58 27.24 -14.50
N LYS A 35 10.20 27.96 -15.58
CA LYS A 35 8.98 28.75 -15.59
C LYS A 35 7.74 27.95 -15.96
N ASN A 36 7.90 26.66 -16.29
CA ASN A 36 6.73 25.78 -16.42
C ASN A 36 6.15 25.40 -15.07
N TRP A 37 6.96 25.53 -13.99
CA TRP A 37 6.58 25.20 -12.62
C TRP A 37 5.56 26.16 -12.02
N SER A 38 5.48 27.38 -12.55
CA SER A 38 4.53 28.34 -12.03
C SER A 38 3.12 27.79 -12.07
N ALA A 39 2.75 27.16 -13.18
CA ALA A 39 1.46 26.49 -13.29
C ALA A 39 1.26 25.49 -12.15
N LEU A 40 2.23 24.59 -11.97
CA LEU A 40 2.14 23.62 -10.88
C LEU A 40 2.17 24.31 -9.53
N LEU A 41 3.14 25.19 -9.30
CA LEU A 41 3.22 25.84 -7.99
C LEU A 41 1.95 26.64 -7.67
N THR A 42 1.39 27.33 -8.67
CA THR A 42 0.15 28.07 -8.46
C THR A 42 -1.01 27.12 -8.24
N ALA A 43 -1.02 25.97 -8.93
CA ALA A 43 -2.06 24.97 -8.70
C ALA A 43 -1.96 24.40 -7.28
N VAL A 44 -0.75 24.34 -6.71
CA VAL A 44 -0.60 24.00 -5.29
C VAL A 44 -1.29 25.05 -4.43
N VAL A 45 -1.15 26.32 -4.81
CA VAL A 45 -1.86 27.38 -4.11
C VAL A 45 -3.37 27.30 -4.36
N ILE A 46 -3.79 26.78 -5.53
CA ILE A 46 -5.21 26.57 -5.77
C ILE A 46 -5.73 25.38 -5.00
N ILE A 47 -4.91 24.33 -4.85
CA ILE A 47 -5.34 23.12 -4.15
C ILE A 47 -5.48 23.38 -2.66
N LEU A 48 -4.42 23.92 -2.04
CA LEU A 48 -4.40 24.12 -0.61
C LEU A 48 -5.53 25.03 -0.12
N THR A 49 -5.98 25.97 -0.97
CA THR A 49 -7.06 26.87 -0.56
C THR A 49 -8.42 26.20 -0.66
N ILE A 50 -8.64 25.41 -1.71
CA ILE A 50 -9.93 24.77 -1.85
C ILE A 50 -10.11 23.68 -0.78
N ALA A 51 -9.04 22.93 -0.49
CA ALA A 51 -9.10 21.91 0.56
C ALA A 51 -8.97 22.51 1.94
N GLY A 52 -8.04 23.45 2.12
CA GLY A 52 -7.79 23.97 3.45
C GLY A 52 -9.01 24.60 4.08
N ASN A 53 -9.77 25.37 3.31
CA ASN A 53 -10.95 26.02 3.82
C ASN A 53 -12.22 25.20 3.70
N ILE A 54 -12.21 24.09 2.93
CA ILE A 54 -13.32 23.15 2.96
C ILE A 54 -13.36 22.44 4.31
N LEU A 55 -12.21 22.01 4.82
CA LEU A 55 -12.19 21.45 6.16
C LEU A 55 -12.63 22.49 7.18
N VAL A 56 -12.13 23.73 7.08
CA VAL A 56 -12.44 24.71 8.11
C VAL A 56 -13.94 24.93 8.18
N ILE A 57 -14.62 24.95 7.02
CA ILE A 57 -16.07 25.03 7.03
C ILE A 57 -16.65 23.79 7.69
N MET A 58 -16.14 22.61 7.33
CA MET A 58 -16.55 21.36 7.98
C MET A 58 -16.27 21.36 9.49
N ALA A 59 -15.00 21.55 9.85
CA ALA A 59 -14.58 21.30 11.23
C ALA A 59 -15.25 22.26 12.21
N VAL A 60 -15.54 23.49 11.79
CA VAL A 60 -16.22 24.38 12.71
C VAL A 60 -17.65 23.93 12.92
N SER A 61 -18.26 23.36 11.88
CA SER A 61 -19.67 22.98 11.96
C SER A 61 -19.86 21.66 12.72
N LEU A 62 -19.00 20.68 12.45
CA LEU A 62 -19.23 19.34 13.00
C LEU A 62 -18.84 19.24 14.47
N GLU A 63 -17.60 19.57 14.83
CA GLU A 63 -17.10 19.37 16.19
C GLU A 63 -17.56 20.53 17.09
N LYS A 64 -18.30 20.19 18.16
CA LYS A 64 -18.99 21.20 18.96
C LYS A 64 -18.03 22.08 19.76
N LYS A 65 -16.78 21.67 19.92
CA LYS A 65 -15.86 22.41 20.79
C LYS A 65 -15.36 23.69 20.15
N LEU A 66 -15.64 23.90 18.85
CA LEU A 66 -15.18 25.07 18.08
C LEU A 66 -16.33 25.97 17.64
N GLN A 67 -17.33 26.17 18.50
CA GLN A 67 -18.49 26.99 18.19
C GLN A 67 -18.37 28.36 18.79
N ASN A 68 -17.14 28.87 18.89
CA ASN A 68 -16.91 30.20 19.40
C ASN A 68 -17.44 31.24 18.40
N ALA A 69 -17.80 32.42 18.94
CA ALA A 69 -18.22 33.53 18.08
C ALA A 69 -17.14 33.89 17.08
N THR A 70 -15.88 33.87 17.53
CA THR A 70 -14.75 34.13 16.65
C THR A 70 -14.44 32.94 15.76
N ASN A 71 -14.89 31.72 16.13
CA ASN A 71 -14.80 30.62 15.17
C ASN A 71 -15.98 30.62 14.21
N TYR A 72 -17.07 31.30 14.56
CA TYR A 72 -18.13 31.51 13.59
C TYR A 72 -17.69 32.48 12.49
N PHE A 73 -16.98 33.55 12.84
CA PHE A 73 -16.39 34.41 11.81
C PHE A 73 -15.46 33.60 10.91
N LEU A 74 -14.62 32.77 11.52
CA LEU A 74 -13.60 32.07 10.75
C LEU A 74 -14.26 31.10 9.78
N MET A 75 -15.42 30.56 10.14
CA MET A 75 -16.09 29.66 9.21
C MET A 75 -16.57 30.40 7.96
N SER A 76 -17.10 31.63 8.11
CA SER A 76 -17.51 32.42 6.93
C SER A 76 -16.30 32.87 6.12
N LEU A 77 -15.32 33.50 6.79
CA LEU A 77 -14.12 33.90 6.09
C LEU A 77 -13.63 32.75 5.22
N ALA A 78 -13.47 31.56 5.82
CA ALA A 78 -12.96 30.42 5.07
C ALA A 78 -13.84 30.09 3.89
N ILE A 79 -15.15 30.38 3.97
CA ILE A 79 -15.95 30.27 2.75
C ILE A 79 -15.41 31.21 1.66
N ALA A 80 -15.13 32.48 2.01
CA ALA A 80 -14.69 33.41 0.98
C ALA A 80 -13.46 32.86 0.29
N ASP A 81 -12.52 32.33 1.07
CA ASP A 81 -11.31 31.69 0.54
C ASP A 81 -11.62 30.42 -0.25
N MET A 82 -12.63 29.67 0.17
CA MET A 82 -13.12 28.59 -0.65
C MET A 82 -13.70 29.13 -1.94
N LEU A 83 -14.50 30.20 -1.86
CA LEU A 83 -15.11 30.75 -3.06
C LEU A 83 -14.09 31.45 -3.94
N LEU A 84 -13.05 32.00 -3.35
CA LEU A 84 -12.00 32.63 -4.15
C LEU A 84 -11.15 31.57 -4.83
N GLY A 85 -10.79 30.51 -4.12
CA GLY A 85 -10.07 29.43 -4.77
C GLY A 85 -10.93 28.76 -5.82
N PHE A 86 -12.23 28.66 -5.57
CA PHE A 86 -13.08 27.86 -6.44
C PHE A 86 -13.51 28.61 -7.68
N LEU A 87 -13.28 29.93 -7.74
CA LEU A 87 -13.83 30.72 -8.83
C LEU A 87 -12.77 31.52 -9.60
N VAL A 88 -11.95 32.29 -8.90
CA VAL A 88 -11.20 33.36 -9.53
C VAL A 88 -9.70 33.19 -9.43
N MET A 89 -9.19 32.29 -8.61
CA MET A 89 -7.76 31.97 -8.66
C MET A 89 -7.47 31.12 -9.90
N PRO A 90 -8.37 30.19 -10.33
CA PRO A 90 -8.01 29.38 -11.51
C PRO A 90 -7.87 30.15 -12.79
N VAL A 91 -8.81 31.04 -13.11
CA VAL A 91 -8.73 31.81 -14.34
C VAL A 91 -7.60 32.83 -14.30
N SER A 92 -7.09 33.12 -13.12
CA SER A 92 -5.83 33.84 -13.03
C SER A 92 -4.69 32.99 -13.60
N MET A 93 -4.74 31.66 -13.38
CA MET A 93 -3.77 30.75 -13.98
C MET A 93 -4.09 30.49 -15.45
N LEU A 94 -5.38 30.41 -15.82
CA LEU A 94 -5.75 30.16 -17.22
C LEU A 94 -5.20 31.25 -18.10
N THR A 95 -5.39 32.49 -17.67
CA THR A 95 -4.75 33.64 -18.28
C THR A 95 -3.23 33.48 -18.35
N ILE A 96 -2.60 33.02 -17.27
CA ILE A 96 -1.15 32.83 -17.26
C ILE A 96 -0.72 31.94 -18.42
N LEU A 97 -1.46 30.84 -18.66
CA LEU A 97 -1.04 29.88 -19.67
C LEU A 97 -1.06 30.52 -21.04
N TYR A 98 -2.06 31.36 -21.29
CA TYR A 98 -2.28 31.99 -22.58
C TYR A 98 -1.32 33.14 -22.89
N GLY A 99 -0.50 33.56 -21.93
CA GLY A 99 0.38 34.68 -22.13
C GLY A 99 -0.15 35.99 -21.61
N TYR A 100 -1.21 35.95 -20.81
CA TYR A 100 -1.86 37.09 -20.21
C TYR A 100 -2.77 37.81 -21.18
N ARG A 101 -2.95 37.29 -22.40
CA ARG A 101 -4.02 37.84 -23.23
C ARG A 101 -5.31 37.21 -22.75
N TRP A 102 -6.33 38.04 -22.45
CA TRP A 102 -7.55 37.55 -21.80
C TRP A 102 -8.21 36.49 -22.68
N PRO A 103 -8.42 35.27 -22.18
CA PRO A 103 -8.79 34.16 -23.06
C PRO A 103 -10.29 33.96 -23.14
N LEU A 104 -11.05 34.61 -22.29
CA LEU A 104 -12.49 34.39 -22.27
C LEU A 104 -13.25 35.48 -23.02
N PRO A 105 -14.59 35.42 -23.10
CA PRO A 105 -15.31 36.51 -23.77
C PRO A 105 -14.93 37.88 -23.25
N SER A 106 -14.98 38.83 -24.16
CA SER A 106 -14.80 40.23 -23.80
C SER A 106 -15.73 40.56 -22.66
N LYS A 107 -16.98 40.11 -22.73
CA LYS A 107 -18.04 40.73 -21.95
C LYS A 107 -18.01 40.36 -20.47
N LEU A 108 -17.33 39.27 -20.08
CA LEU A 108 -17.35 38.82 -18.70
C LEU A 108 -16.09 39.20 -17.92
N CYS A 109 -15.36 40.22 -18.37
CA CYS A 109 -14.18 40.55 -17.59
C CYS A 109 -14.54 41.28 -16.31
N ALA A 110 -15.49 42.21 -16.35
CA ALA A 110 -15.83 42.91 -15.12
C ALA A 110 -16.38 41.95 -14.05
N VAL A 111 -16.79 40.74 -14.43
CA VAL A 111 -17.37 39.82 -13.44
C VAL A 111 -16.31 39.01 -12.70
N TRP A 112 -15.17 38.73 -13.35
CA TRP A 112 -14.05 38.07 -12.68
C TRP A 112 -13.30 39.06 -11.79
N ILE A 113 -13.14 40.31 -12.26
CA ILE A 113 -12.66 41.39 -11.39
C ILE A 113 -13.61 41.61 -10.21
N TYR A 114 -14.92 41.68 -10.48
CA TYR A 114 -15.92 41.89 -9.44
C TYR A 114 -15.87 40.80 -8.39
N LEU A 115 -15.92 39.54 -8.84
CA LEU A 115 -15.90 38.41 -7.93
C LEU A 115 -14.65 38.42 -7.08
N ASP A 116 -13.51 38.49 -7.73
CA ASP A 116 -12.25 38.56 -7.03
C ASP A 116 -12.23 39.76 -6.09
N VAL A 117 -12.75 40.93 -6.52
CA VAL A 117 -12.81 42.06 -5.59
C VAL A 117 -13.70 41.72 -4.40
N LEU A 118 -14.87 41.12 -4.67
CA LEU A 118 -15.86 40.91 -3.62
C LEU A 118 -15.35 39.94 -2.56
N PHE A 119 -14.92 38.75 -2.98
CA PHE A 119 -14.50 37.78 -1.98
C PHE A 119 -13.30 38.31 -1.19
N SER A 120 -12.27 38.79 -1.91
CA SER A 120 -11.12 39.39 -1.25
C SER A 120 -11.55 40.51 -0.29
N THR A 121 -12.43 41.40 -0.72
CA THR A 121 -12.85 42.49 0.15
C THR A 121 -13.66 41.96 1.34
N ALA A 122 -14.19 40.74 1.25
CA ALA A 122 -14.89 40.15 2.39
C ALA A 122 -13.91 39.51 3.36
N SER A 123 -12.74 39.12 2.87
CA SER A 123 -11.74 38.53 3.76
C SER A 123 -11.07 39.57 4.65
N ILE A 124 -10.85 40.81 4.17
CA ILE A 124 -10.39 41.82 5.10
C ILE A 124 -11.49 42.23 6.05
N MET A 125 -12.74 42.29 5.56
CA MET A 125 -13.85 42.70 6.42
C MET A 125 -14.10 41.68 7.52
N HIS A 126 -14.04 40.39 7.19
CA HIS A 126 -14.03 39.36 8.21
C HIS A 126 -12.87 39.48 9.18
N LEU A 127 -11.64 39.58 8.69
CA LEU A 127 -10.56 39.82 9.62
C LEU A 127 -10.82 41.07 10.42
N CYS A 128 -11.21 42.15 9.76
CA CYS A 128 -11.24 43.39 10.50
C CYS A 128 -12.37 43.40 11.51
N ALA A 129 -13.52 42.83 11.15
CA ALA A 129 -14.65 42.73 12.07
C ALA A 129 -14.26 41.97 13.33
N ILE A 130 -13.62 40.83 13.15
CA ILE A 130 -13.13 40.01 14.26
C ILE A 130 -12.33 40.85 15.24
N SER A 131 -11.43 41.67 14.72
CA SER A 131 -10.51 42.39 15.59
C SER A 131 -11.21 43.46 16.39
N LEU A 132 -12.13 44.20 15.77
CA LEU A 132 -12.83 45.17 16.59
C LEU A 132 -14.05 44.58 17.28
N ASP A 133 -14.50 43.40 16.91
CA ASP A 133 -15.52 42.78 17.73
C ASP A 133 -14.90 42.38 19.06
N ARG A 134 -13.70 41.79 19.00
CA ARG A 134 -12.99 41.36 20.19
C ARG A 134 -12.41 42.53 20.95
N TYR A 135 -12.18 43.63 20.28
CA TYR A 135 -11.62 44.79 20.94
C TYR A 135 -12.64 45.47 21.83
N VAL A 136 -13.84 45.75 21.30
CA VAL A 136 -14.83 46.48 22.07
C VAL A 136 -15.27 45.66 23.28
N ALA A 137 -15.43 44.34 23.12
CA ALA A 137 -15.88 43.50 24.22
C ALA A 137 -14.92 43.48 25.39
N ILE A 138 -13.61 43.66 25.16
CA ILE A 138 -12.65 43.63 26.27
C ILE A 138 -12.66 44.97 27.01
N GLN A 139 -12.90 46.08 26.30
CA GLN A 139 -12.94 47.41 26.91
C GLN A 139 -14.33 47.81 27.39
N ASN A 140 -15.31 46.88 27.33
CA ASN A 140 -16.67 47.05 27.87
C ASN A 140 -16.99 45.93 28.87
N PRO A 141 -18.04 46.07 29.70
CA PRO A 141 -18.41 44.95 30.60
C PRO A 141 -19.18 43.87 29.88
N ILE A 142 -19.76 42.92 30.64
CA ILE A 142 -20.73 41.98 30.06
C ILE A 142 -21.82 42.75 29.30
N HIS A 143 -22.33 43.84 29.88
CA HIS A 143 -23.38 44.73 29.35
C HIS A 143 -24.76 44.12 29.47
N HIS A 144 -24.89 42.88 29.96
CA HIS A 144 -26.17 42.26 30.29
C HIS A 144 -27.20 42.41 29.18
N SER A 145 -26.73 42.34 27.94
CA SER A 145 -27.69 42.42 26.85
C SER A 145 -28.14 41.05 26.39
N ARG A 146 -27.26 40.29 25.75
CA ARG A 146 -27.62 39.01 25.15
C ARG A 146 -29.02 39.04 24.56
N PHE A 147 -29.29 40.02 23.68
CA PHE A 147 -30.61 40.09 23.05
C PHE A 147 -30.88 38.85 22.20
N ASN A 148 -29.92 38.44 21.36
CA ASN A 148 -30.07 37.25 20.53
C ASN A 148 -29.19 36.12 21.07
N SER A 149 -29.56 34.89 20.72
CA SER A 149 -28.88 33.71 21.25
C SER A 149 -27.76 33.27 20.31
N ARG A 150 -26.63 34.01 20.35
CA ARG A 150 -25.43 33.63 19.58
C ARG A 150 -25.77 33.41 18.10
N THR A 151 -26.78 34.16 17.63
CA THR A 151 -26.94 34.55 16.24
C THR A 151 -26.28 35.89 16.02
N LYS A 152 -25.70 36.47 17.08
CA LYS A 152 -24.93 37.69 16.93
C LYS A 152 -23.83 37.50 15.91
N ALA A 153 -23.24 36.30 15.89
CA ALA A 153 -22.34 35.95 14.79
C ALA A 153 -23.05 36.10 13.44
N PHE A 154 -24.21 35.44 13.32
CA PHE A 154 -24.96 35.50 12.06
C PHE A 154 -25.36 36.91 11.66
N LEU A 155 -25.77 37.73 12.62
CA LEU A 155 -25.99 39.13 12.28
C LEU A 155 -24.67 39.79 11.91
N LYS A 156 -23.61 39.54 12.67
CA LYS A 156 -22.35 40.22 12.39
C LYS A 156 -21.82 39.84 11.01
N ILE A 157 -21.92 38.56 10.63
CA ILE A 157 -21.33 38.17 9.36
C ILE A 157 -22.13 38.72 8.16
N ILE A 158 -23.47 38.84 8.27
CA ILE A 158 -24.21 39.35 7.10
C ILE A 158 -23.91 40.83 6.93
N ALA A 159 -23.71 41.54 8.03
CA ALA A 159 -23.23 42.91 7.90
C ALA A 159 -21.88 42.94 7.20
N VAL A 160 -21.05 41.91 7.43
CA VAL A 160 -19.73 41.87 6.81
C VAL A 160 -19.86 41.76 5.30
N TRP A 161 -20.80 40.95 4.82
CA TRP A 161 -20.92 40.76 3.38
C TRP A 161 -21.65 41.91 2.70
N THR A 162 -22.62 42.52 3.37
CA THR A 162 -23.28 43.63 2.71
C THR A 162 -22.38 44.88 2.67
N ILE A 163 -21.54 45.08 3.69
CA ILE A 163 -20.48 46.06 3.50
C ILE A 163 -19.51 45.59 2.41
N SER A 164 -19.15 44.32 2.43
CA SER A 164 -18.33 43.76 1.37
C SER A 164 -18.95 43.96 -0.01
N VAL A 165 -20.25 43.70 -0.15
CA VAL A 165 -20.86 43.94 -1.46
C VAL A 165 -21.33 45.36 -1.63
N GLY A 166 -21.35 46.15 -0.55
CA GLY A 166 -21.48 47.58 -0.73
C GLY A 166 -20.37 48.12 -1.60
N ILE A 167 -19.12 47.72 -1.33
CA ILE A 167 -17.98 48.28 -2.03
C ILE A 167 -17.83 47.77 -3.45
N SER A 168 -18.28 46.55 -3.72
CA SER A 168 -18.02 45.95 -5.02
C SER A 168 -19.06 46.30 -6.09
N MET A 169 -20.07 47.12 -5.77
CA MET A 169 -21.01 47.40 -6.85
C MET A 169 -20.36 48.27 -7.93
N PRO A 170 -19.44 49.19 -7.62
CA PRO A 170 -18.90 50.07 -8.69
C PRO A 170 -18.27 49.34 -9.87
N ILE A 171 -17.70 48.14 -9.71
CA ILE A 171 -17.15 47.43 -10.87
C ILE A 171 -18.25 47.06 -11.87
N PRO A 172 -19.36 46.44 -11.46
CA PRO A 172 -20.39 46.14 -12.47
C PRO A 172 -21.22 47.36 -12.85
N VAL A 173 -21.30 48.37 -11.98
CA VAL A 173 -21.98 49.64 -12.28
C VAL A 173 -21.32 50.36 -13.44
N PHE A 174 -20.00 50.27 -13.54
CA PHE A 174 -19.28 50.70 -14.72
C PHE A 174 -18.66 49.49 -15.44
N GLY A 175 -19.42 48.39 -15.47
CA GLY A 175 -18.93 47.13 -16.04
C GLY A 175 -18.67 47.20 -17.53
N LEU A 176 -19.54 47.89 -18.27
CA LEU A 176 -19.37 48.03 -19.71
C LEU A 176 -19.74 49.42 -20.20
N SER A 180 -12.47 48.43 -21.46
CA SER A 180 -12.67 49.88 -21.43
C SER A 180 -11.83 50.57 -20.33
N LYS A 181 -12.40 50.50 -19.14
CA LYS A 181 -11.74 50.83 -17.89
C LYS A 181 -11.32 49.55 -17.17
N VAL A 182 -11.46 48.42 -17.86
CA VAL A 182 -11.24 47.10 -17.29
C VAL A 182 -10.27 46.29 -18.15
N PHE A 183 -9.73 46.87 -19.21
CA PHE A 183 -8.84 46.17 -20.14
C PHE A 183 -7.63 47.05 -20.41
N LYS A 184 -6.45 46.45 -20.54
CA LYS A 184 -5.24 47.20 -20.88
C LYS A 184 -4.39 46.34 -21.79
N GLU A 185 -4.26 46.72 -23.06
CA GLU A 185 -3.43 45.99 -24.03
C GLU A 185 -3.76 44.49 -24.11
N GLY A 186 -5.05 44.16 -24.01
CA GLY A 186 -5.51 42.80 -24.19
C GLY A 186 -5.40 41.88 -22.98
N SER A 187 -5.03 42.41 -21.82
CA SER A 187 -5.09 41.73 -20.54
C SER A 187 -6.04 42.46 -19.59
N CYS A 188 -6.63 41.70 -18.65
CA CYS A 188 -7.74 42.20 -17.84
C CYS A 188 -7.28 42.68 -16.48
N LEU A 189 -7.20 43.99 -16.32
CA LEU A 189 -6.84 44.52 -15.02
C LEU A 189 -7.70 45.74 -14.74
N LEU A 190 -7.73 46.16 -13.48
CA LEU A 190 -8.38 47.43 -13.18
C LEU A 190 -7.47 48.54 -13.68
N ALA A 191 -7.97 49.26 -14.67
CA ALA A 191 -7.18 50.28 -15.34
C ALA A 191 -7.69 51.68 -15.11
N ASP A 192 -8.83 51.85 -14.46
CA ASP A 192 -9.28 53.20 -14.11
C ASP A 192 -8.44 53.70 -12.94
N ASP A 193 -7.68 54.78 -13.15
CA ASP A 193 -6.76 55.24 -12.11
C ASP A 193 -7.46 55.43 -10.78
N ASN A 194 -8.56 56.16 -10.74
CA ASN A 194 -9.17 56.35 -9.45
C ASN A 194 -9.78 55.04 -8.95
N PHE A 195 -10.28 54.19 -9.87
CA PHE A 195 -10.76 52.86 -9.47
C PHE A 195 -9.71 52.13 -8.67
N VAL A 196 -8.45 52.14 -9.14
CA VAL A 196 -7.40 51.38 -8.46
C VAL A 196 -6.68 52.20 -7.43
N LEU A 197 -6.92 53.49 -7.37
CA LEU A 197 -6.37 54.27 -6.29
C LEU A 197 -7.33 54.27 -5.11
N ILE A 198 -8.58 54.66 -5.33
CA ILE A 198 -9.58 54.66 -4.28
C ILE A 198 -9.72 53.26 -3.72
N GLY A 199 -9.64 52.26 -4.61
CA GLY A 199 -9.91 50.88 -4.22
C GLY A 199 -8.86 50.29 -3.32
N SER A 200 -7.64 50.84 -3.35
CA SER A 200 -6.61 50.43 -2.42
C SER A 200 -6.92 50.90 -1.01
N PHE A 201 -7.23 52.17 -0.82
CA PHE A 201 -7.48 52.65 0.53
C PHE A 201 -8.77 52.06 1.08
N VAL A 202 -9.83 52.06 0.26
CA VAL A 202 -11.13 51.61 0.74
C VAL A 202 -11.14 50.12 1.06
N SER A 203 -10.49 49.30 0.25
CA SER A 203 -10.53 47.87 0.49
C SER A 203 -9.28 47.34 1.20
N PHE A 204 -8.10 47.88 0.93
CA PHE A 204 -6.93 47.46 1.69
C PHE A 204 -6.48 48.36 2.85
N PHE A 205 -6.01 49.59 2.65
CA PHE A 205 -5.23 50.22 3.73
C PHE A 205 -6.08 50.65 4.92
N ILE A 206 -7.24 51.25 4.68
CA ILE A 206 -8.15 51.49 5.76
C ILE A 206 -8.41 50.21 6.57
N PRO A 207 -8.82 49.09 5.96
CA PRO A 207 -9.06 47.91 6.80
C PRO A 207 -7.81 47.36 7.46
N ALA A 208 -6.70 47.26 6.75
CA ALA A 208 -5.47 46.76 7.35
C ALA A 208 -5.06 47.64 8.53
N THR A 209 -5.13 48.97 8.36
CA THR A 209 -4.78 49.86 9.46
C THR A 209 -5.75 49.71 10.62
N ILE A 210 -7.06 49.70 10.32
CA ILE A 210 -8.08 49.49 11.34
C ILE A 210 -7.83 48.15 12.03
N MET A 211 -7.59 47.11 11.22
CA MET A 211 -7.31 45.80 11.77
C MET A 211 -6.22 45.90 12.81
N VAL A 212 -5.10 46.53 12.46
CA VAL A 212 -3.91 46.46 13.29
C VAL A 212 -4.04 47.37 14.49
N ILE A 213 -4.59 48.55 14.28
CA ILE A 213 -4.74 49.51 15.36
C ILE A 213 -5.58 48.94 16.50
N THR A 214 -6.78 48.42 16.20
CA THR A 214 -7.54 47.78 17.26
C THR A 214 -6.74 46.65 17.88
N TYR A 215 -6.23 45.73 17.04
CA TYR A 215 -5.56 44.52 17.54
C TYR A 215 -4.60 44.82 18.67
N PHE A 216 -3.65 45.73 18.43
CA PHE A 216 -2.62 45.95 19.43
C PHE A 216 -3.20 46.52 20.70
N LEU A 217 -4.17 47.44 20.60
CA LEU A 217 -4.81 47.93 21.82
C LEU A 217 -5.34 46.79 22.67
N THR A 218 -5.98 45.80 22.02
CA THR A 218 -6.54 44.68 22.76
C THR A 218 -5.47 43.83 23.42
N ILE A 219 -4.40 43.48 22.69
CA ILE A 219 -3.42 42.61 23.30
C ILE A 219 -2.88 43.28 24.54
N LYS A 220 -2.61 44.58 24.44
CA LYS A 220 -2.14 45.34 25.59
C LYS A 220 -3.21 45.39 26.69
N SER A 221 -4.48 45.32 26.29
CA SER A 221 -5.58 45.34 27.25
C SER A 221 -5.76 44.01 27.95
N LEU A 222 -5.84 42.92 27.17
CA LEU A 222 -5.92 41.58 27.73
C LEU A 222 -4.75 41.33 28.66
N GLN A 223 -3.52 41.63 28.20
CA GLN A 223 -2.33 41.38 29.02
C GLN A 223 -2.43 42.13 30.32
N LYS A 224 -3.01 43.32 30.30
CA LYS A 224 -3.15 44.19 31.48
C LYS A 224 -4.39 43.87 32.31
N GLU A 225 -5.19 42.88 31.92
CA GLU A 225 -6.29 42.33 32.72
C GLU A 225 -5.96 41.00 33.36
N ALA A 226 -5.02 40.24 32.79
CA ALA A 226 -4.52 39.05 33.45
C ALA A 226 -3.66 39.42 34.63
N ALA A 227 -3.03 40.57 34.54
CA ALA A 227 -2.29 41.04 35.68
C ALA A 227 -3.23 41.38 36.82
N ASP A 228 -4.53 41.51 36.57
CA ASP A 228 -5.47 41.88 37.61
C ASP A 228 -6.06 40.65 38.27
N LEU A 229 -6.43 39.64 37.49
CA LEU A 229 -6.90 38.41 38.11
C LEU A 229 -5.80 37.72 38.89
N GLU A 230 -4.59 37.62 38.32
CA GLU A 230 -3.51 36.99 39.07
C GLU A 230 -3.24 37.78 40.34
N ASP A 231 -3.23 39.11 40.24
CA ASP A 231 -3.05 39.93 41.43
C ASP A 231 -4.14 39.67 42.43
N ASN A 232 -5.39 39.51 41.96
CA ASN A 232 -6.53 39.32 42.85
C ASN A 232 -6.53 37.94 43.51
N TRP A 233 -6.01 36.91 42.84
CA TRP A 233 -5.87 35.63 43.52
C TRP A 233 -4.66 35.60 44.45
N GLU A 234 -3.53 36.17 44.03
CA GLU A 234 -2.37 36.26 44.91
C GLU A 234 -2.71 37.05 46.16
N THR A 235 -3.36 38.21 45.99
CA THR A 235 -3.83 38.98 47.14
C THR A 235 -4.69 38.12 48.06
N LEU A 236 -5.64 37.40 47.47
CA LEU A 236 -6.58 36.55 48.22
C LEU A 236 -5.87 35.43 48.96
N ASN A 237 -4.91 34.75 48.33
CA ASN A 237 -4.22 33.64 48.97
C ASN A 237 -3.30 34.10 50.07
N ASP A 238 -2.59 35.22 49.88
CA ASP A 238 -1.64 35.69 50.89
C ASP A 238 -2.34 36.05 52.20
N ASN A 239 -3.44 36.81 52.12
CA ASN A 239 -4.21 37.14 53.32
C ASN A 239 -4.90 35.91 53.88
N LEU A 240 -5.27 34.93 53.04
CA LEU A 240 -5.82 33.69 53.57
C LEU A 240 -4.83 33.02 54.50
N LYS A 241 -3.57 32.90 54.07
CA LYS A 241 -2.54 32.39 54.97
C LYS A 241 -2.40 33.28 56.19
N VAL A 242 -2.43 34.61 55.99
CA VAL A 242 -2.33 35.56 57.10
C VAL A 242 -3.48 35.39 58.09
N ILE A 243 -4.72 35.30 57.60
CA ILE A 243 -5.88 35.13 58.47
C ILE A 243 -5.72 33.89 59.32
N GLU A 244 -5.25 32.80 58.73
CA GLU A 244 -5.10 31.56 59.47
C GLU A 244 -3.99 31.68 60.51
N LYS A 245 -2.84 32.23 60.10
CA LYS A 245 -1.65 32.28 60.96
C LYS A 245 -1.60 33.50 61.87
N ALA A 246 -2.56 34.42 61.77
CA ALA A 246 -2.56 35.60 62.65
C ALA A 246 -3.05 35.23 64.03
N ASP A 247 -2.29 35.65 65.06
CA ASP A 247 -2.59 35.36 66.45
C ASP A 247 -3.38 36.48 67.13
N ASN A 248 -3.38 37.70 66.57
CA ASN A 248 -4.10 38.82 67.16
C ASN A 248 -5.60 38.69 66.87
N ALA A 249 -6.38 39.41 67.67
CA ALA A 249 -7.83 39.23 67.65
C ALA A 249 -8.44 39.85 66.40
N ALA A 250 -8.12 41.12 66.13
CA ALA A 250 -8.68 41.86 65.01
C ALA A 250 -7.76 41.90 63.80
N GLN A 251 -6.66 41.13 63.82
CA GLN A 251 -5.77 41.01 62.66
C GLN A 251 -6.52 40.47 61.46
N VAL A 252 -7.46 39.57 61.69
CA VAL A 252 -8.32 39.04 60.65
C VAL A 252 -9.08 40.15 59.92
N LYS A 253 -9.43 41.22 60.62
CA LYS A 253 -10.28 42.27 60.06
C LYS A 253 -9.68 42.87 58.79
N ASP A 254 -8.47 43.41 58.90
CA ASP A 254 -7.79 43.92 57.71
C ASP A 254 -7.52 42.80 56.72
N ALA A 255 -7.21 41.60 57.22
CA ALA A 255 -6.82 40.48 56.35
C ALA A 255 -8.00 39.86 55.61
N LEU A 256 -9.19 39.88 56.21
CA LEU A 256 -10.37 39.30 55.56
C LEU A 256 -11.31 40.36 54.98
N THR A 257 -11.12 41.65 55.28
CA THR A 257 -11.85 42.68 54.52
C THR A 257 -11.26 42.83 53.13
N LYS A 258 -9.93 42.75 53.02
CA LYS A 258 -9.26 42.82 51.72
C LYS A 258 -9.71 41.69 50.78
N MET A 259 -9.87 40.48 51.32
CA MET A 259 -10.37 39.35 50.53
C MET A 259 -11.72 39.66 49.91
N ARG A 260 -12.60 40.31 50.67
CA ARG A 260 -13.85 40.78 50.07
C ARG A 260 -13.56 41.75 48.94
N ALA A 261 -12.54 42.60 49.10
CA ALA A 261 -12.22 43.60 48.08
C ALA A 261 -11.78 42.93 46.77
N ALA A 262 -10.78 42.04 46.85
CA ALA A 262 -10.34 41.37 45.64
C ALA A 262 -11.46 40.55 45.03
N ALA A 263 -12.18 39.80 45.87
CA ALA A 263 -13.21 38.91 45.35
C ALA A 263 -14.19 39.65 44.44
N LEU A 264 -14.63 40.84 44.86
CA LEU A 264 -15.54 41.59 44.01
C LEU A 264 -14.88 41.94 42.68
N ASP A 265 -13.62 42.42 42.72
CA ASP A 265 -12.91 42.82 41.51
C ASP A 265 -12.83 41.67 40.50
N ALA A 266 -12.51 40.47 41.00
CA ALA A 266 -12.58 39.27 40.16
C ALA A 266 -13.98 39.07 39.63
N GLN A 267 -15.00 39.25 40.48
CA GLN A 267 -16.39 39.11 40.02
C GLN A 267 -16.63 40.06 38.86
N LYS A 268 -15.91 41.17 38.84
CA LYS A 268 -16.03 42.17 37.80
C LYS A 268 -15.07 41.93 36.64
N ALA A 269 -14.34 40.82 36.63
CA ALA A 269 -13.31 40.61 35.61
C ALA A 269 -13.36 39.20 35.02
N THR A 270 -13.48 39.13 33.68
CA THR A 270 -13.51 37.93 32.85
C THR A 270 -13.14 38.37 31.45
N PRO A 271 -12.32 37.61 30.73
CA PRO A 271 -11.97 37.96 29.33
C PRO A 271 -13.14 37.79 28.39
N PRO A 272 -13.08 38.40 27.18
CA PRO A 272 -14.29 38.48 26.34
C PRO A 272 -14.89 37.12 26.06
N LYS A 273 -14.06 36.12 25.76
CA LYS A 273 -14.51 34.78 25.36
C LYS A 273 -15.51 34.83 24.20
N SER A 278 -24.46 33.32 28.81
CA SER A 278 -25.19 32.86 29.98
C SER A 278 -25.24 31.34 30.03
N PRO A 279 -24.34 30.69 29.27
CA PRO A 279 -24.21 29.22 29.40
C PRO A 279 -23.35 28.81 30.59
N ASP A 280 -22.32 29.59 30.90
CA ASP A 280 -21.51 29.35 32.08
C ASP A 280 -21.34 30.61 32.91
N SER A 281 -21.98 31.72 32.52
CA SER A 281 -21.95 33.00 33.22
C SER A 281 -22.70 32.97 34.55
N PRO A 282 -23.78 32.18 34.74
CA PRO A 282 -24.30 32.07 36.12
C PRO A 282 -23.31 31.44 37.08
N GLU A 283 -22.67 30.33 36.68
CA GLU A 283 -21.75 29.63 37.57
C GLU A 283 -20.61 30.53 38.04
N MET A 284 -19.98 31.26 37.10
CA MET A 284 -18.98 32.24 37.51
C MET A 284 -19.58 33.21 38.51
N LYS A 285 -20.74 33.77 38.18
CA LYS A 285 -21.43 34.69 39.09
C LYS A 285 -21.90 33.98 40.37
N ASP A 286 -22.47 32.77 40.23
CA ASP A 286 -22.92 32.00 41.40
C ASP A 286 -21.74 31.56 42.24
N PHE A 287 -20.69 31.04 41.61
CA PHE A 287 -19.51 30.68 42.35
C PHE A 287 -18.78 31.90 42.87
N ARG A 288 -18.92 33.05 42.19
CA ARG A 288 -18.43 34.29 42.79
C ARG A 288 -19.26 34.58 44.03
N HIS A 289 -20.58 34.57 43.87
CA HIS A 289 -21.49 34.73 45.01
C HIS A 289 -21.27 33.62 46.03
N GLY A 290 -21.13 32.38 45.56
CA GLY A 290 -20.99 31.25 46.47
C GLY A 290 -19.70 31.26 47.25
N PHE A 291 -18.61 31.71 46.59
CA PHE A 291 -17.33 31.88 47.25
C PHE A 291 -17.34 33.06 48.21
N ASP A 292 -17.93 34.17 47.77
CA ASP A 292 -18.05 35.36 48.59
C ASP A 292 -18.73 35.04 49.93
N ILE A 293 -19.77 34.19 49.91
CA ILE A 293 -20.45 33.82 51.14
C ILE A 293 -19.45 33.34 52.19
N LEU A 294 -18.55 32.45 51.79
CA LEU A 294 -17.60 31.90 52.76
C LEU A 294 -16.76 33.00 53.40
N VAL A 295 -16.20 33.89 52.58
CA VAL A 295 -15.42 35.00 53.12
C VAL A 295 -16.33 36.00 53.83
N GLY A 296 -17.43 36.37 53.18
CA GLY A 296 -18.37 37.29 53.82
C GLY A 296 -18.80 36.83 55.20
N GLN A 297 -19.24 35.57 55.30
CA GLN A 297 -19.75 35.07 56.57
C GLN A 297 -18.71 35.22 57.66
N ILE A 298 -17.48 34.76 57.39
CA ILE A 298 -16.41 34.86 58.39
C ILE A 298 -16.24 36.31 58.84
N ASP A 299 -16.27 37.25 57.89
CA ASP A 299 -16.21 38.66 58.24
C ASP A 299 -17.36 39.06 59.15
N ASP A 300 -18.58 38.69 58.76
CA ASP A 300 -19.77 39.08 59.51
C ASP A 300 -19.63 38.68 60.97
N ALA A 301 -19.16 37.45 61.22
CA ALA A 301 -18.88 36.98 62.55
C ALA A 301 -17.46 37.23 62.99
N LEU A 302 -16.66 37.96 62.20
CA LEU A 302 -15.32 38.34 62.63
C LEU A 302 -15.37 39.49 63.63
N LYS A 303 -16.13 40.55 63.33
CA LYS A 303 -16.28 41.67 64.26
C LYS A 303 -16.95 41.21 65.56
N LEU A 304 -18.06 40.49 65.43
CA LEU A 304 -18.71 39.89 66.60
C LEU A 304 -17.74 39.01 67.37
N ALA A 305 -17.04 38.14 66.66
CA ALA A 305 -16.13 37.13 67.23
C ALA A 305 -16.86 36.18 68.18
N LYS A 311 -14.20 34.66 66.43
CA LYS A 311 -12.82 34.95 66.76
C LYS A 311 -11.88 33.76 66.47
N GLU A 312 -11.83 32.84 67.43
CA GLU A 312 -11.12 31.59 67.22
C GLU A 312 -11.79 30.77 66.12
N ALA A 313 -13.14 30.81 66.08
CA ALA A 313 -13.90 30.00 65.14
C ALA A 313 -13.86 30.59 63.73
N GLN A 314 -13.91 31.92 63.60
CA GLN A 314 -13.96 32.52 62.26
C GLN A 314 -12.70 32.24 61.46
N ALA A 315 -11.55 32.08 62.12
CA ALA A 315 -10.39 31.55 61.42
C ALA A 315 -10.72 30.21 60.78
N ALA A 316 -11.40 29.33 61.52
CA ALA A 316 -11.83 28.07 60.94
C ALA A 316 -12.96 28.27 59.95
N ALA A 317 -13.72 29.35 60.07
CA ALA A 317 -14.88 29.56 59.19
C ALA A 317 -14.45 29.92 57.77
N GLU A 318 -13.46 30.79 57.64
CA GLU A 318 -12.96 31.17 56.33
C GLU A 318 -12.04 30.05 55.87
N GLN A 319 -12.65 28.98 55.38
CA GLN A 319 -11.92 27.82 54.92
C GLN A 319 -12.38 27.54 53.50
N LEU A 320 -11.80 28.32 52.59
CA LEU A 320 -11.88 28.11 51.16
C LEU A 320 -10.90 27.03 50.74
N LYS A 321 -10.00 26.65 51.65
CA LYS A 321 -9.06 25.57 51.37
C LYS A 321 -9.75 24.22 51.39
N THR A 322 -10.81 24.09 52.17
CA THR A 322 -11.52 22.83 52.38
C THR A 322 -12.67 22.60 51.37
N THR A 323 -13.05 23.61 50.58
CA THR A 323 -14.23 23.55 49.74
C THR A 323 -13.86 23.47 48.26
N ARG A 324 -14.62 22.68 47.49
CA ARG A 324 -14.31 22.55 46.07
C ARG A 324 -14.60 23.82 45.31
N ASN A 325 -15.53 24.66 45.81
CA ASN A 325 -15.94 25.82 45.00
C ASN A 325 -14.76 26.69 44.58
N ALA A 326 -13.95 27.15 45.55
CA ALA A 326 -12.90 28.11 45.26
C ALA A 326 -11.92 27.55 44.24
N TYR A 327 -11.56 26.27 44.36
CA TYR A 327 -10.56 25.66 43.49
C TYR A 327 -10.97 25.72 42.03
N ILE A 328 -12.25 25.46 41.75
CA ILE A 328 -12.74 25.55 40.37
C ILE A 328 -12.51 26.94 39.79
N GLN A 329 -12.87 28.00 40.54
CA GLN A 329 -12.87 29.34 39.97
C GLN A 329 -11.46 29.75 39.56
N LYS A 330 -10.45 29.50 40.41
CA LYS A 330 -9.08 29.77 39.98
C LYS A 330 -8.77 28.99 38.71
N TYR A 331 -9.26 27.76 38.61
CA TYR A 331 -9.06 26.96 37.41
C TYR A 331 -9.70 27.55 36.18
N LEU A 332 -10.99 27.81 36.24
CA LEU A 332 -11.67 28.29 35.06
C LEU A 332 -11.06 29.60 34.59
N THR A 333 -10.62 30.44 35.51
CA THR A 333 -10.08 31.71 35.03
C THR A 333 -8.73 31.48 34.35
N MET A 334 -7.80 30.74 34.99
CA MET A 334 -6.46 30.57 34.41
C MET A 334 -6.51 29.78 33.11
N GLN A 335 -7.45 28.85 32.97
CA GLN A 335 -7.68 28.18 31.71
C GLN A 335 -8.31 29.14 30.68
N SER A 336 -9.24 29.98 31.14
CA SER A 336 -9.86 30.97 30.27
C SER A 336 -8.86 32.05 29.87
N ILE A 337 -8.04 32.53 30.82
CA ILE A 337 -7.03 33.52 30.47
C ILE A 337 -6.08 32.96 29.43
N SER A 338 -5.62 31.73 29.62
CA SER A 338 -4.60 31.20 28.73
C SER A 338 -5.18 30.97 27.33
N ASN A 339 -6.43 30.53 27.24
CA ASN A 339 -7.03 30.31 25.94
C ASN A 339 -7.05 31.59 25.13
N GLU A 340 -7.41 32.72 25.73
CA GLU A 340 -7.43 33.95 24.94
C GLU A 340 -6.04 34.40 24.59
N GLN A 341 -5.04 33.98 25.36
CA GLN A 341 -3.66 34.26 24.97
C GLN A 341 -3.40 33.65 23.61
N LYS A 342 -3.80 32.39 23.42
CA LYS A 342 -3.45 31.65 22.20
C LYS A 342 -4.32 32.08 21.03
N ALA A 343 -5.56 32.42 21.30
CA ALA A 343 -6.40 33.05 20.29
C ALA A 343 -5.80 34.37 19.81
N CYS A 344 -5.35 35.23 20.71
CA CYS A 344 -4.72 36.46 20.24
C CYS A 344 -3.50 36.19 19.39
N LYS A 345 -2.68 35.20 19.76
CA LYS A 345 -1.49 34.91 18.97
C LYS A 345 -1.86 34.30 17.62
N VAL A 346 -2.72 33.28 17.61
CA VAL A 346 -3.13 32.69 16.34
C VAL A 346 -3.79 33.73 15.42
N LEU A 347 -4.61 34.60 15.98
CA LEU A 347 -5.21 35.70 15.24
C LEU A 347 -4.15 36.69 14.77
N GLY A 348 -3.19 37.02 15.64
CA GLY A 348 -2.12 37.89 15.18
C GLY A 348 -1.37 37.30 14.02
N ILE A 349 -1.22 35.97 13.99
CA ILE A 349 -0.53 35.37 12.85
C ILE A 349 -1.35 35.56 11.57
N VAL A 350 -2.66 35.32 11.62
CA VAL A 350 -3.46 35.49 10.41
C VAL A 350 -3.63 36.95 10.07
N PHE A 351 -3.82 37.79 11.06
CA PHE A 351 -3.85 39.20 10.76
C PHE A 351 -2.58 39.60 10.03
N PHE A 352 -1.42 39.31 10.67
CA PHE A 352 -0.14 39.82 10.19
C PHE A 352 0.14 39.33 8.80
N LEU A 353 0.07 38.04 8.58
CA LEU A 353 0.51 37.61 7.28
C LEU A 353 -0.56 37.79 6.23
N PHE A 354 -1.73 38.28 6.60
CA PHE A 354 -2.63 38.73 5.54
C PHE A 354 -2.10 40.03 4.95
N VAL A 355 -1.80 41.00 5.79
CA VAL A 355 -1.38 42.28 5.24
C VAL A 355 0.05 42.24 4.80
N VAL A 356 0.89 41.35 5.33
CA VAL A 356 2.23 41.29 4.78
C VAL A 356 2.20 40.75 3.36
N MET A 357 1.30 39.81 3.09
CA MET A 357 1.31 39.14 1.80
C MET A 357 0.69 40.01 0.71
N TRP A 358 -0.32 40.83 1.03
CA TRP A 358 -0.92 41.61 -0.04
C TRP A 358 -0.28 42.96 -0.26
N CYS A 359 0.50 43.48 0.69
CA CYS A 359 1.21 44.75 0.48
C CYS A 359 2.12 44.84 -0.73
N PRO A 360 2.92 43.85 -1.09
CA PRO A 360 3.57 43.90 -2.40
C PRO A 360 2.64 44.25 -3.55
N PHE A 361 1.51 43.57 -3.70
CA PHE A 361 0.60 43.83 -4.80
C PHE A 361 -0.05 45.21 -4.69
N PHE A 362 -0.29 45.70 -3.49
CA PHE A 362 -0.94 46.99 -3.42
C PHE A 362 0.07 48.14 -3.53
N ILE A 363 1.27 48.00 -2.95
CA ILE A 363 2.27 49.05 -3.13
C ILE A 363 2.69 49.16 -4.60
N THR A 364 2.94 48.04 -5.27
CA THR A 364 3.32 48.18 -6.67
C THR A 364 2.17 48.78 -7.50
N ASN A 365 0.92 48.45 -7.13
CA ASN A 365 -0.24 48.89 -7.89
C ASN A 365 -0.56 50.34 -7.60
N ILE A 366 -0.48 50.76 -6.33
CA ILE A 366 -0.76 52.17 -6.06
C ILE A 366 0.34 53.02 -6.68
N MET A 367 1.54 52.46 -6.81
CA MET A 367 2.67 53.15 -7.41
C MET A 367 2.51 53.29 -8.93
N ALA A 368 1.74 52.41 -9.56
CA ALA A 368 1.46 52.60 -10.98
C ALA A 368 0.85 53.97 -11.23
N VAL A 369 -0.19 54.32 -10.47
CA VAL A 369 -0.92 55.56 -10.71
C VAL A 369 -0.13 56.77 -10.20
N ILE A 370 0.49 56.65 -9.03
CA ILE A 370 1.34 57.73 -8.53
C ILE A 370 2.55 57.91 -9.43
N CYS A 371 3.09 56.83 -9.99
CA CYS A 371 4.32 56.95 -10.77
C CYS A 371 4.02 56.67 -12.26
N LYS A 372 2.90 57.22 -12.75
CA LYS A 372 2.40 56.94 -14.10
C LYS A 372 3.41 57.28 -15.18
N GLU A 373 4.12 58.38 -15.01
CA GLU A 373 4.98 58.98 -16.03
C GLU A 373 6.43 58.62 -15.83
N SER A 374 6.87 58.56 -14.58
CA SER A 374 8.30 58.44 -14.31
C SER A 374 8.82 57.04 -14.66
N CYS A 375 8.15 55.98 -14.18
CA CYS A 375 8.72 54.64 -14.18
C CYS A 375 8.10 53.73 -15.24
N ASN A 376 8.89 52.75 -15.66
CA ASN A 376 8.49 51.82 -16.70
C ASN A 376 7.30 51.00 -16.25
N GLU A 377 6.28 50.95 -17.09
CA GLU A 377 5.08 50.22 -16.76
C GLU A 377 5.17 48.76 -17.15
N ASP A 378 6.16 48.36 -17.94
CA ASP A 378 6.31 46.96 -18.33
C ASP A 378 7.06 46.19 -17.24
N VAL A 379 7.89 46.86 -16.45
CA VAL A 379 8.47 46.18 -15.30
C VAL A 379 7.44 46.06 -14.19
N ILE A 380 6.75 47.17 -13.83
CA ILE A 380 5.91 47.05 -12.64
C ILE A 380 4.70 46.18 -12.95
N GLY A 381 4.27 46.15 -14.22
CA GLY A 381 3.25 45.20 -14.61
C GLY A 381 3.69 43.76 -14.47
N ALA A 382 4.99 43.51 -14.55
CA ALA A 382 5.53 42.18 -14.32
C ALA A 382 5.49 41.84 -12.85
N LEU A 383 5.84 42.80 -12.00
CA LEU A 383 5.77 42.57 -10.57
C LEU A 383 4.35 42.18 -10.19
N LEU A 384 3.36 42.81 -10.83
CA LEU A 384 1.97 42.54 -10.51
C LEU A 384 1.57 41.13 -10.91
N ASN A 385 2.12 40.58 -12.00
CA ASN A 385 1.80 39.20 -12.30
C ASN A 385 2.22 38.29 -11.15
N VAL A 386 3.24 38.69 -10.40
CA VAL A 386 3.80 37.87 -9.34
C VAL A 386 3.20 38.21 -7.98
N PHE A 387 3.11 39.49 -7.67
CA PHE A 387 2.71 39.89 -6.32
C PHE A 387 1.25 39.60 -6.03
N VAL A 388 0.48 39.22 -7.05
CA VAL A 388 -0.89 38.79 -6.84
C VAL A 388 -0.92 37.31 -6.52
N TRP A 389 0.21 36.61 -6.55
CA TRP A 389 0.17 35.25 -6.04
C TRP A 389 0.83 35.15 -4.68
N ILE A 390 1.67 36.10 -4.31
CA ILE A 390 1.93 36.23 -2.90
C ILE A 390 0.62 36.49 -2.16
N GLY A 391 -0.24 37.31 -2.74
CA GLY A 391 -1.48 37.65 -2.07
C GLY A 391 -2.47 36.53 -2.17
N TYR A 392 -2.57 35.91 -3.34
CA TYR A 392 -3.57 34.88 -3.50
C TYR A 392 -3.27 33.65 -2.64
N ALA A 393 -2.06 33.57 -2.08
CA ALA A 393 -1.64 32.45 -1.24
C ALA A 393 -2.08 32.59 0.22
N SER A 394 -2.42 33.78 0.69
CA SER A 394 -2.97 33.83 2.05
C SER A 394 -4.23 32.98 2.17
N SER A 395 -5.05 32.91 1.11
CA SER A 395 -6.24 32.08 1.19
C SER A 395 -5.90 30.64 1.59
N ALA A 396 -4.65 30.22 1.37
CA ALA A 396 -4.20 28.89 1.79
C ALA A 396 -3.71 28.90 3.22
N VAL A 397 -3.05 29.98 3.64
CA VAL A 397 -2.22 29.92 4.83
C VAL A 397 -3.05 29.63 6.08
N ASN A 398 -4.19 30.32 6.27
CA ASN A 398 -4.80 30.29 7.60
C ASN A 398 -5.31 28.90 7.99
N PRO A 399 -5.77 28.01 7.11
CA PRO A 399 -5.98 26.63 7.56
C PRO A 399 -4.70 25.99 8.06
N LEU A 400 -3.56 26.24 7.45
CA LEU A 400 -2.34 25.70 8.00
C LEU A 400 -2.07 26.27 9.40
N VAL A 401 -2.30 27.55 9.62
CA VAL A 401 -1.92 28.01 10.95
C VAL A 401 -2.94 27.51 11.99
N TYR A 402 -4.19 27.22 11.59
CA TYR A 402 -5.11 26.63 12.58
C TYR A 402 -4.57 25.31 13.08
N THR A 403 -4.12 24.43 12.19
CA THR A 403 -3.63 23.14 12.67
C THR A 403 -2.38 23.31 13.51
N LEU A 404 -1.50 24.20 13.09
CA LEU A 404 -0.21 24.32 13.77
C LEU A 404 -0.35 24.78 15.21
N PHE A 405 -1.48 25.41 15.58
CA PHE A 405 -1.65 25.97 16.91
C PHE A 405 -2.99 25.74 17.58
N ASN A 406 -3.93 25.04 16.96
CA ASN A 406 -5.19 24.70 17.64
C ASN A 406 -5.34 23.19 17.62
N LYS A 407 -5.13 22.56 18.78
CA LYS A 407 -5.14 21.11 18.86
C LYS A 407 -6.43 20.52 18.32
N THR A 408 -7.57 21.19 18.56
CA THR A 408 -8.87 20.66 18.16
C THR A 408 -9.11 20.82 16.66
N TYR A 409 -8.56 21.87 16.07
CA TYR A 409 -8.63 21.99 14.61
C TYR A 409 -7.81 20.91 13.93
N ARG A 410 -6.72 20.49 14.58
CA ARG A 410 -5.83 19.48 14.02
C ARG A 410 -6.54 18.13 13.91
N SER A 411 -7.23 17.73 14.98
CA SER A 411 -7.85 16.41 15.03
C SER A 411 -9.02 16.29 14.04
N ALA A 412 -9.76 17.37 13.82
CA ALA A 412 -10.84 17.32 12.84
C ALA A 412 -10.31 17.07 11.43
N PHE A 413 -9.37 17.90 11.01
CA PHE A 413 -8.79 17.77 9.67
C PHE A 413 -8.19 16.38 9.46
N SER A 414 -7.35 15.94 10.41
CA SER A 414 -6.71 14.64 10.28
C SER A 414 -7.76 13.53 10.11
N ARG A 415 -8.80 13.58 10.92
CA ARG A 415 -9.90 12.63 10.72
C ARG A 415 -10.58 12.88 9.39
N TYR A 416 -10.91 14.15 9.09
CA TYR A 416 -11.71 14.44 7.88
C TYR A 416 -11.02 13.98 6.61
N ILE A 417 -9.68 14.07 6.56
CA ILE A 417 -8.90 13.43 5.50
C ILE A 417 -9.18 11.92 5.48
N GLN A 418 -9.20 11.28 6.65
CA GLN A 418 -9.54 9.86 6.74
C GLN A 418 -11.04 9.57 6.57
N CYS A 419 -11.88 10.60 6.31
CA CYS A 419 -13.34 10.53 6.13
C CYS A 419 -14.16 10.35 7.40
N GLN A 420 -13.54 10.10 8.56
CA GLN A 420 -14.30 9.72 9.74
C GLN A 420 -14.62 10.94 10.60
N TYR A 421 -15.91 11.14 10.87
CA TYR A 421 -16.38 12.20 11.77
C TYR A 421 -16.13 11.89 13.27
N LEU B 30 14.17 -18.39 -38.15
CA LEU B 30 13.88 -18.14 -36.74
C LEU B 30 14.05 -16.65 -36.31
N HIS B 31 13.67 -15.74 -37.20
CA HIS B 31 13.57 -14.32 -36.85
C HIS B 31 12.14 -13.88 -36.62
N LEU B 32 11.17 -14.80 -36.70
CA LEU B 32 9.80 -14.54 -36.26
C LEU B 32 9.49 -15.16 -34.91
N GLN B 33 10.30 -16.14 -34.48
CA GLN B 33 10.28 -16.71 -33.14
C GLN B 33 11.28 -16.03 -32.22
N GLU B 34 12.16 -15.18 -32.77
CA GLU B 34 12.90 -14.29 -31.89
C GLU B 34 11.95 -13.30 -31.25
N LYS B 35 11.07 -12.69 -32.05
CA LYS B 35 10.08 -11.75 -31.50
C LYS B 35 9.06 -12.45 -30.64
N ASN B 36 8.84 -13.75 -30.89
CA ASN B 36 7.92 -14.53 -30.08
C ASN B 36 8.13 -14.29 -28.59
N TRP B 37 9.36 -14.52 -28.11
CA TRP B 37 9.64 -14.40 -26.69
C TRP B 37 9.72 -12.96 -26.24
N SER B 38 10.12 -12.05 -27.14
CA SER B 38 10.11 -10.63 -26.81
C SER B 38 8.67 -10.17 -26.56
N ALA B 39 7.73 -10.55 -27.43
CA ALA B 39 6.33 -10.19 -27.20
C ALA B 39 5.76 -10.90 -25.98
N LEU B 40 6.10 -12.18 -25.76
CA LEU B 40 5.62 -12.88 -24.57
C LEU B 40 6.21 -12.27 -23.31
N LEU B 41 7.54 -12.16 -23.24
CA LEU B 41 8.18 -11.67 -22.03
C LEU B 41 7.70 -10.28 -21.67
N THR B 42 7.60 -9.38 -22.65
CA THR B 42 7.09 -8.06 -22.35
C THR B 42 5.65 -8.13 -21.89
N ALA B 43 4.85 -8.98 -22.53
CA ALA B 43 3.47 -9.12 -22.07
C ALA B 43 3.41 -9.79 -20.70
N VAL B 44 4.37 -10.69 -20.39
CA VAL B 44 4.41 -11.30 -19.06
C VAL B 44 4.78 -10.27 -17.98
N VAL B 45 5.75 -9.38 -18.28
CA VAL B 45 6.18 -8.35 -17.34
C VAL B 45 5.07 -7.34 -17.09
N ILE B 46 4.31 -6.99 -18.13
CA ILE B 46 3.18 -6.08 -17.97
C ILE B 46 2.15 -6.66 -17.02
N ILE B 47 1.71 -7.91 -17.27
CA ILE B 47 0.64 -8.49 -16.46
C ILE B 47 1.06 -8.65 -15.00
N LEU B 48 2.35 -8.92 -14.74
CA LEU B 48 2.82 -9.08 -13.36
C LEU B 48 2.78 -7.77 -12.61
N THR B 49 3.23 -6.66 -13.22
CA THR B 49 3.19 -5.37 -12.54
C THR B 49 1.75 -4.94 -12.30
N ILE B 50 0.92 -5.08 -13.34
CA ILE B 50 -0.48 -4.68 -13.26
C ILE B 50 -1.14 -5.34 -12.06
N ALA B 51 -0.95 -6.64 -11.91
CA ALA B 51 -1.64 -7.42 -10.89
C ALA B 51 -0.78 -7.72 -9.70
N GLY B 52 0.55 -7.64 -9.82
CA GLY B 52 1.37 -7.72 -8.63
C GLY B 52 1.15 -6.54 -7.70
N ASN B 53 1.06 -5.31 -8.27
CA ASN B 53 0.88 -4.09 -7.47
C ASN B 53 -0.57 -3.85 -7.09
N ILE B 54 -1.53 -4.38 -7.86
CA ILE B 54 -2.90 -4.41 -7.36
C ILE B 54 -2.98 -5.19 -6.07
N LEU B 55 -2.33 -6.35 -6.02
CA LEU B 55 -2.40 -7.13 -4.79
C LEU B 55 -1.71 -6.40 -3.65
N VAL B 56 -0.73 -5.55 -3.92
CA VAL B 56 -0.09 -4.85 -2.83
C VAL B 56 -1.01 -3.74 -2.34
N ILE B 57 -1.75 -3.14 -3.28
CA ILE B 57 -2.72 -2.10 -2.97
C ILE B 57 -3.90 -2.67 -2.17
N MET B 58 -4.33 -3.89 -2.49
CA MET B 58 -5.38 -4.57 -1.72
C MET B 58 -4.85 -5.16 -0.41
N ALA B 59 -3.60 -5.63 -0.38
CA ALA B 59 -3.07 -6.14 0.89
C ALA B 59 -3.02 -5.04 1.94
N VAL B 60 -2.37 -3.91 1.63
CA VAL B 60 -2.25 -2.87 2.65
C VAL B 60 -3.63 -2.33 3.00
N SER B 61 -4.47 -2.14 1.99
CA SER B 61 -5.77 -1.51 2.24
C SER B 61 -6.65 -2.36 3.13
N LEU B 62 -6.51 -3.68 3.07
CA LEU B 62 -7.41 -4.56 3.84
C LEU B 62 -6.75 -5.27 5.01
N GLU B 63 -5.43 -5.31 5.10
CA GLU B 63 -4.77 -6.00 6.19
C GLU B 63 -4.49 -5.00 7.31
N LYS B 64 -5.17 -5.17 8.44
CA LYS B 64 -4.92 -4.30 9.59
C LYS B 64 -3.45 -4.35 10.00
N LYS B 65 -2.81 -5.52 9.84
CA LYS B 65 -1.44 -5.71 10.33
C LYS B 65 -0.41 -4.89 9.55
N LEU B 66 -0.76 -4.44 8.35
CA LEU B 66 0.13 -3.61 7.54
C LEU B 66 -0.56 -2.28 7.24
N GLN B 67 -0.54 -1.38 8.21
CA GLN B 67 -1.02 -0.04 7.97
C GLN B 67 -0.16 0.95 8.73
N ASN B 68 1.10 0.57 8.94
CA ASN B 68 2.14 1.46 9.44
C ASN B 68 2.61 2.43 8.36
N ALA B 69 3.62 3.22 8.70
CA ALA B 69 4.11 4.23 7.78
C ALA B 69 4.75 3.58 6.57
N THR B 70 5.81 2.79 6.82
CA THR B 70 6.64 2.28 5.75
C THR B 70 5.87 1.44 4.75
N ASN B 71 4.84 0.69 5.20
CA ASN B 71 4.01 -0.02 4.22
C ASN B 71 2.99 0.87 3.53
N TYR B 72 2.70 2.05 4.09
CA TYR B 72 1.78 2.95 3.41
C TYR B 72 2.40 3.50 2.13
N PHE B 73 3.66 3.95 2.22
CA PHE B 73 4.44 4.28 1.01
C PHE B 73 4.42 3.13 0.02
N LEU B 74 4.77 1.94 0.52
CA LEU B 74 4.84 0.76 -0.31
C LEU B 74 3.51 0.52 -1.02
N MET B 75 2.40 0.73 -0.33
CA MET B 75 1.10 0.67 -1.01
C MET B 75 1.05 1.69 -2.12
N SER B 76 1.45 2.93 -1.82
CA SER B 76 1.41 4.02 -2.78
C SER B 76 2.33 3.78 -3.96
N LEU B 77 3.55 3.37 -3.65
CA LEU B 77 4.55 3.12 -4.68
C LEU B 77 3.96 2.22 -5.76
N ALA B 78 3.19 1.21 -5.34
CA ALA B 78 2.58 0.30 -6.29
C ALA B 78 1.48 0.98 -7.11
N ILE B 79 0.86 2.03 -6.57
CA ILE B 79 -0.09 2.81 -7.38
C ILE B 79 0.61 3.39 -8.60
N ALA B 80 1.83 3.92 -8.41
CA ALA B 80 2.67 4.33 -9.54
C ALA B 80 3.09 3.14 -10.39
N ASP B 81 3.66 2.12 -9.76
CA ASP B 81 4.08 0.96 -10.54
C ASP B 81 2.92 0.35 -11.31
N MET B 82 1.73 0.27 -10.71
CA MET B 82 0.59 -0.24 -11.47
C MET B 82 0.25 0.68 -12.64
N LEU B 83 0.22 2.00 -12.39
CA LEU B 83 -0.10 2.98 -13.43
C LEU B 83 0.94 2.99 -14.53
N LEU B 84 2.22 2.88 -14.17
CA LEU B 84 3.30 2.72 -15.13
C LEU B 84 3.09 1.48 -15.98
N GLY B 85 2.91 0.34 -15.35
CA GLY B 85 2.65 -0.87 -16.11
C GLY B 85 1.36 -0.82 -16.92
N PHE B 86 0.32 -0.22 -16.37
CA PHE B 86 -0.95 -0.18 -17.10
C PHE B 86 -0.86 0.79 -18.28
N LEU B 87 -0.30 1.98 -18.06
CA LEU B 87 -0.49 3.05 -19.03
C LEU B 87 0.62 3.15 -20.09
N VAL B 88 1.90 3.18 -19.69
CA VAL B 88 2.98 3.41 -20.64
C VAL B 88 3.73 2.14 -21.02
N MET B 89 3.58 1.11 -20.27
CA MET B 89 4.22 -0.16 -20.58
C MET B 89 3.60 -0.87 -21.77
N PRO B 90 2.28 -0.89 -21.96
CA PRO B 90 1.76 -1.66 -23.10
C PRO B 90 2.13 -1.03 -24.42
N VAL B 91 2.28 0.29 -24.44
CA VAL B 91 2.62 0.98 -25.67
C VAL B 91 4.08 0.72 -26.05
N SER B 92 4.95 0.57 -25.06
CA SER B 92 6.35 0.23 -25.34
C SER B 92 6.46 -1.17 -25.95
N MET B 93 5.60 -2.11 -25.56
CA MET B 93 5.51 -3.38 -26.28
C MET B 93 4.99 -3.17 -27.71
N LEU B 94 4.02 -2.26 -27.90
CA LEU B 94 3.47 -2.01 -29.24
C LEU B 94 4.52 -1.33 -30.14
N THR B 95 5.33 -0.43 -29.56
CA THR B 95 6.46 0.12 -30.30
C THR B 95 7.41 -0.99 -30.74
N ILE B 96 7.66 -1.98 -29.88
CA ILE B 96 8.45 -3.16 -30.26
C ILE B 96 7.79 -3.90 -31.42
N LEU B 97 6.45 -4.00 -31.42
CA LEU B 97 5.77 -4.75 -32.46
C LEU B 97 5.90 -4.09 -33.83
N TYR B 98 5.81 -2.76 -33.89
CA TYR B 98 5.84 -2.04 -35.16
C TYR B 98 7.23 -1.61 -35.57
N GLY B 99 8.26 -2.35 -35.16
CA GLY B 99 9.61 -2.13 -35.66
C GLY B 99 10.33 -0.91 -35.12
N TYR B 100 9.74 -0.23 -34.15
CA TYR B 100 10.28 0.98 -33.54
C TYR B 100 10.00 2.19 -34.41
N ARG B 101 9.14 2.07 -35.41
CA ARG B 101 8.56 3.26 -36.02
C ARG B 101 7.27 3.51 -35.24
N TRP B 102 7.17 4.71 -34.64
CA TRP B 102 6.15 5.09 -33.67
C TRP B 102 4.76 4.83 -34.19
N PRO B 103 4.02 4.04 -33.56
CA PRO B 103 2.81 3.54 -34.20
C PRO B 103 1.53 4.30 -33.87
N LEU B 104 1.49 5.61 -33.92
CA LEU B 104 0.34 6.16 -33.22
C LEU B 104 0.14 7.62 -33.58
N PRO B 105 -0.89 8.29 -33.11
CA PRO B 105 -0.89 9.75 -33.22
C PRO B 105 0.43 10.43 -32.88
N SER B 106 1.06 11.06 -33.87
CA SER B 106 2.41 11.58 -33.73
C SER B 106 2.56 12.39 -32.45
N LYS B 107 1.64 13.34 -32.21
CA LYS B 107 1.73 14.20 -31.03
C LYS B 107 1.29 13.49 -29.76
N LEU B 108 0.71 12.30 -29.89
CA LEU B 108 0.39 11.51 -28.72
C LEU B 108 1.63 10.92 -28.08
N CYS B 109 2.81 11.17 -28.62
CA CYS B 109 3.93 10.47 -28.01
C CYS B 109 4.43 11.20 -26.76
N ALA B 110 4.43 12.53 -26.80
CA ALA B 110 5.05 13.31 -25.75
C ALA B 110 4.36 13.14 -24.39
N VAL B 111 3.06 12.82 -24.36
CA VAL B 111 2.46 12.38 -23.11
C VAL B 111 3.05 11.03 -22.70
N TRP B 112 3.26 10.13 -23.67
CA TRP B 112 3.79 8.81 -23.36
C TRP B 112 5.19 8.91 -22.79
N ILE B 113 6.04 9.80 -23.31
CA ILE B 113 7.31 10.03 -22.64
C ILE B 113 7.11 10.76 -21.32
N TYR B 114 6.16 11.70 -21.26
CA TYR B 114 5.92 12.46 -20.04
C TYR B 114 5.46 11.56 -18.90
N LEU B 115 4.36 10.83 -19.11
CA LEU B 115 3.87 9.89 -18.11
C LEU B 115 5.00 8.97 -17.65
N ASP B 116 5.59 8.23 -18.59
CA ASP B 116 6.61 7.25 -18.26
C ASP B 116 7.80 7.90 -17.58
N VAL B 117 8.10 9.16 -17.92
CA VAL B 117 9.16 9.83 -17.18
C VAL B 117 8.75 10.03 -15.74
N LEU B 118 7.47 10.37 -15.52
CA LEU B 118 6.99 10.78 -14.20
C LEU B 118 6.94 9.59 -13.24
N PHE B 119 6.26 8.52 -13.65
CA PHE B 119 5.96 7.41 -12.76
C PHE B 119 7.21 6.64 -12.38
N SER B 120 8.18 6.56 -13.29
CA SER B 120 9.48 6.02 -12.95
C SER B 120 10.21 6.91 -11.95
N THR B 121 9.93 8.23 -11.95
CA THR B 121 10.61 9.15 -11.03
C THR B 121 10.01 9.08 -9.64
N ALA B 122 8.68 9.13 -9.55
CA ALA B 122 8.02 8.94 -8.27
C ALA B 122 8.41 7.60 -7.66
N SER B 123 8.52 6.54 -8.46
CA SER B 123 8.93 5.27 -7.89
C SER B 123 10.29 5.38 -7.25
N ILE B 124 11.27 5.96 -7.94
CA ILE B 124 12.57 6.11 -7.25
C ILE B 124 12.48 7.22 -6.22
N MET B 125 11.48 8.11 -6.34
CA MET B 125 11.26 9.09 -5.28
C MET B 125 10.74 8.41 -4.02
N HIS B 126 9.64 7.66 -4.13
CA HIS B 126 9.10 6.92 -3.00
C HIS B 126 10.18 6.10 -2.31
N LEU B 127 10.95 5.35 -3.08
CA LEU B 127 12.04 4.59 -2.48
C LEU B 127 13.04 5.51 -1.79
N CYS B 128 13.36 6.66 -2.40
CA CYS B 128 14.35 7.53 -1.77
C CYS B 128 13.79 8.15 -0.48
N ALA B 129 12.52 8.61 -0.51
CA ALA B 129 11.85 9.10 0.70
C ALA B 129 11.74 8.01 1.77
N ILE B 130 11.30 6.80 1.39
CA ILE B 130 11.15 5.69 2.34
C ILE B 130 12.42 5.48 3.14
N SER B 131 13.57 5.56 2.50
CA SER B 131 14.77 5.36 3.28
C SER B 131 15.11 6.60 4.07
N LEU B 132 14.61 7.78 3.65
CA LEU B 132 14.87 9.00 4.42
C LEU B 132 14.13 8.98 5.74
N ASP B 133 12.83 8.65 5.72
CA ASP B 133 12.05 8.54 6.96
C ASP B 133 12.65 7.51 7.89
N ARG B 134 13.12 6.38 7.35
CA ARG B 134 13.71 5.35 8.20
C ARG B 134 15.01 5.82 8.85
N TYR B 135 15.68 6.81 8.29
CA TYR B 135 16.81 7.40 9.01
C TYR B 135 16.34 8.52 9.93
N VAL B 136 15.14 9.07 9.68
CA VAL B 136 14.54 10.13 10.48
C VAL B 136 13.76 9.61 11.68
N ALA B 137 13.41 8.33 11.69
CA ALA B 137 12.67 7.79 12.82
C ALA B 137 13.58 7.44 14.00
N ILE B 138 14.92 7.55 13.86
CA ILE B 138 15.79 7.21 14.99
C ILE B 138 15.55 8.16 16.17
N GLN B 139 15.33 9.44 15.89
CA GLN B 139 14.95 10.46 16.89
C GLN B 139 15.89 10.52 18.11
N SER B 149 1.04 8.75 13.47
CA SER B 149 2.07 8.58 12.43
C SER B 149 1.47 8.16 11.09
N ARG B 150 0.21 7.71 11.07
CA ARG B 150 -0.41 7.32 9.80
C ARG B 150 -0.60 8.53 8.88
N THR B 151 -1.16 9.62 9.41
CA THR B 151 -1.35 10.83 8.60
C THR B 151 -0.05 11.62 8.47
N LYS B 152 0.84 11.55 9.47
CA LYS B 152 2.18 12.09 9.30
C LYS B 152 2.89 11.40 8.14
N ALA B 153 2.71 10.08 7.99
CA ALA B 153 3.20 9.40 6.81
C ALA B 153 2.45 9.82 5.56
N PHE B 154 1.11 9.89 5.63
CA PHE B 154 0.32 10.29 4.46
C PHE B 154 0.79 11.62 3.91
N LEU B 155 1.01 12.59 4.80
CA LEU B 155 1.40 13.91 4.32
C LEU B 155 2.72 13.84 3.56
N LYS B 156 3.61 12.92 3.97
CA LYS B 156 4.91 12.82 3.32
C LYS B 156 4.81 12.27 1.89
N ILE B 157 3.85 11.35 1.61
CA ILE B 157 3.70 10.75 0.27
C ILE B 157 3.04 11.74 -0.71
N ILE B 158 2.13 12.61 -0.23
CA ILE B 158 1.59 13.65 -1.10
C ILE B 158 2.67 14.68 -1.42
N ALA B 159 3.57 14.94 -0.48
CA ALA B 159 4.72 15.79 -0.77
C ALA B 159 5.57 15.17 -1.86
N VAL B 160 5.99 13.92 -1.64
CA VAL B 160 6.92 13.25 -2.55
C VAL B 160 6.32 13.06 -3.94
N TRP B 161 5.01 12.77 -4.02
CA TRP B 161 4.36 12.76 -5.33
C TRP B 161 4.64 14.06 -6.10
N THR B 162 4.44 15.21 -5.44
CA THR B 162 4.49 16.49 -6.14
C THR B 162 5.91 16.91 -6.53
N ILE B 163 6.94 16.48 -5.81
CA ILE B 163 8.29 16.76 -6.31
C ILE B 163 8.50 16.04 -7.64
N SER B 164 8.00 14.80 -7.74
CA SER B 164 8.04 14.04 -8.99
C SER B 164 7.18 14.70 -10.07
N VAL B 165 5.98 15.16 -9.70
CA VAL B 165 5.09 15.75 -10.70
C VAL B 165 5.63 17.09 -11.18
N GLY B 166 6.46 17.76 -10.35
CA GLY B 166 7.16 18.95 -10.81
C GLY B 166 8.10 18.65 -11.96
N ILE B 167 8.80 17.51 -11.88
CA ILE B 167 9.86 17.15 -12.84
C ILE B 167 9.37 16.46 -14.11
N SER B 168 8.10 16.09 -14.20
CA SER B 168 7.52 15.65 -15.47
C SER B 168 7.16 16.77 -16.43
N MET B 169 7.04 18.01 -15.94
CA MET B 169 6.47 19.10 -16.74
C MET B 169 7.24 19.48 -17.99
N PRO B 170 8.57 19.49 -18.04
CA PRO B 170 9.23 19.92 -19.28
C PRO B 170 8.94 19.03 -20.47
N ILE B 171 8.54 17.77 -20.23
CA ILE B 171 8.47 16.79 -21.32
C ILE B 171 7.32 17.02 -22.30
N PRO B 172 6.10 17.38 -21.88
CA PRO B 172 5.03 17.54 -22.88
C PRO B 172 5.27 18.76 -23.74
N VAL B 173 5.93 19.78 -23.15
CA VAL B 173 6.18 21.03 -23.85
C VAL B 173 7.15 20.79 -25.00
N PHE B 174 8.24 20.06 -24.72
CA PHE B 174 9.15 19.67 -25.78
C PHE B 174 8.42 18.96 -26.92
N GLY B 175 7.55 18.00 -26.58
CA GLY B 175 6.82 17.30 -27.62
C GLY B 175 5.78 18.17 -28.31
N LEU B 176 5.11 19.03 -27.54
CA LEU B 176 4.20 19.99 -28.16
C LEU B 176 4.96 20.87 -29.12
N GLN B 177 6.08 21.42 -28.67
CA GLN B 177 6.95 22.24 -29.54
C GLN B 177 7.85 21.36 -30.42
N SER B 180 9.80 19.16 -31.80
CA SER B 180 9.93 17.72 -32.04
C SER B 180 11.38 17.25 -31.92
N LYS B 181 11.87 17.26 -30.69
CA LYS B 181 13.11 16.61 -30.30
C LYS B 181 12.80 15.51 -29.28
N VAL B 182 11.61 14.94 -29.44
CA VAL B 182 11.19 13.70 -28.83
C VAL B 182 11.36 12.54 -29.78
N PHE B 183 11.80 12.81 -31.03
CA PHE B 183 11.88 11.84 -32.13
C PHE B 183 13.30 11.77 -32.67
N LYS B 184 13.64 10.59 -33.19
CA LYS B 184 15.01 10.35 -33.65
C LYS B 184 14.94 9.20 -34.65
N GLU B 185 14.70 9.53 -35.91
CA GLU B 185 14.60 8.58 -37.03
C GLU B 185 13.33 7.71 -36.94
N GLY B 186 12.21 8.35 -36.65
CA GLY B 186 10.89 7.75 -36.81
C GLY B 186 10.36 7.09 -35.58
N SER B 187 11.14 7.11 -34.51
CA SER B 187 10.84 6.54 -33.21
C SER B 187 10.89 7.65 -32.17
N CYS B 188 10.40 7.34 -30.98
CA CYS B 188 10.15 8.41 -30.05
C CYS B 188 10.98 8.12 -28.82
N LEU B 189 11.97 8.99 -28.57
CA LEU B 189 12.92 8.85 -27.47
C LEU B 189 13.39 10.25 -27.09
N LEU B 190 13.84 10.42 -25.84
CA LEU B 190 14.28 11.74 -25.41
C LEU B 190 15.55 12.07 -26.17
N ALA B 191 15.46 13.05 -27.08
CA ALA B 191 16.56 13.36 -28.00
C ALA B 191 17.43 14.53 -27.52
N ASP B 192 16.87 15.48 -26.76
CA ASP B 192 17.69 16.58 -26.25
C ASP B 192 18.81 16.04 -25.40
N ASP B 193 20.07 16.38 -25.73
CA ASP B 193 21.20 16.01 -24.87
C ASP B 193 21.04 16.58 -23.47
N ASN B 194 20.47 17.78 -23.36
CA ASN B 194 20.35 18.43 -22.05
C ASN B 194 19.07 18.03 -21.32
N PHE B 195 18.01 17.62 -22.05
CA PHE B 195 16.96 16.91 -21.34
C PHE B 195 17.45 15.55 -20.88
N VAL B 196 18.36 14.95 -21.64
CA VAL B 196 18.83 13.60 -21.32
C VAL B 196 19.91 13.63 -20.25
N LEU B 197 20.94 14.45 -20.39
CA LEU B 197 22.02 14.42 -19.41
C LEU B 197 21.53 14.94 -18.06
N ILE B 198 20.63 15.92 -18.07
CA ILE B 198 20.08 16.47 -16.83
C ILE B 198 19.06 15.50 -16.23
N GLY B 199 18.16 14.98 -17.08
CA GLY B 199 17.17 14.05 -16.59
C GLY B 199 17.76 12.81 -15.97
N SER B 200 18.81 12.26 -16.58
CA SER B 200 19.41 11.06 -16.01
C SER B 200 20.11 11.34 -14.68
N PHE B 201 20.67 12.52 -14.50
CA PHE B 201 21.28 12.74 -13.18
C PHE B 201 20.24 13.19 -12.17
N VAL B 202 19.40 14.16 -12.51
CA VAL B 202 18.42 14.63 -11.53
C VAL B 202 17.44 13.53 -11.14
N SER B 203 16.94 12.78 -12.10
CA SER B 203 15.88 11.82 -11.79
C SER B 203 16.39 10.40 -11.49
N PHE B 204 17.68 10.10 -11.70
CA PHE B 204 18.19 8.81 -11.25
C PHE B 204 19.41 8.94 -10.35
N PHE B 205 20.51 9.51 -10.84
CA PHE B 205 21.77 9.38 -10.09
C PHE B 205 21.73 10.11 -8.76
N ILE B 206 21.20 11.34 -8.72
CA ILE B 206 21.23 12.04 -7.44
C ILE B 206 20.31 11.27 -6.49
N PRO B 207 19.07 10.87 -6.85
CA PRO B 207 18.30 10.15 -5.82
C PRO B 207 19.02 8.89 -5.40
N ALA B 208 19.37 8.06 -6.35
CA ALA B 208 19.93 6.76 -6.02
C ALA B 208 21.24 6.90 -5.24
N THR B 209 22.03 7.94 -5.51
CA THR B 209 23.29 8.03 -4.76
C THR B 209 23.03 8.37 -3.30
N ILE B 210 22.08 9.27 -3.02
CA ILE B 210 21.78 9.52 -1.62
C ILE B 210 20.97 8.38 -1.02
N MET B 211 19.97 7.86 -1.77
CA MET B 211 19.11 6.80 -1.23
C MET B 211 19.94 5.57 -0.85
N VAL B 212 20.89 5.19 -1.70
CA VAL B 212 21.80 4.12 -1.29
C VAL B 212 22.67 4.56 -0.13
N ILE B 213 22.81 5.88 0.10
CA ILE B 213 23.71 6.35 1.18
C ILE B 213 22.98 6.39 2.52
N THR B 214 21.71 6.82 2.55
CA THR B 214 20.98 6.79 3.79
C THR B 214 20.73 5.36 4.25
N TYR B 215 20.50 4.44 3.31
CA TYR B 215 20.21 3.06 3.72
C TYR B 215 21.43 2.42 4.35
N PHE B 216 22.64 2.71 3.85
CA PHE B 216 23.82 2.13 4.49
C PHE B 216 24.14 2.80 5.82
N LEU B 217 23.95 4.12 5.92
CA LEU B 217 24.09 4.78 7.22
C LEU B 217 23.04 4.26 8.22
N THR B 218 21.79 4.11 7.78
CA THR B 218 20.74 3.70 8.71
C THR B 218 21.01 2.28 9.26
N ILE B 219 21.87 1.49 8.60
CA ILE B 219 22.34 0.24 9.20
C ILE B 219 23.34 0.49 10.31
N LYS B 220 24.19 1.52 10.17
CA LYS B 220 25.11 1.86 11.26
C LYS B 220 24.35 2.23 12.54
N SER B 221 23.26 3.00 12.39
CA SER B 221 22.34 3.30 13.49
C SER B 221 21.77 2.04 14.16
N LEU B 222 21.43 1.02 13.35
CA LEU B 222 20.98 -0.26 13.91
C LEU B 222 22.04 -0.85 14.83
N GLN B 223 23.27 -0.91 14.36
CA GLN B 223 24.35 -1.41 15.21
C GLN B 223 24.68 -0.45 16.34
N LYS B 224 24.42 0.85 16.18
CA LYS B 224 24.52 1.76 17.32
C LYS B 224 23.55 1.35 18.41
N GLU B 225 22.29 1.13 18.05
CA GLU B 225 21.25 0.71 18.99
C GLU B 225 21.18 -0.81 19.17
N ALA B 226 22.15 -1.57 18.62
CA ALA B 226 22.11 -3.03 18.69
C ALA B 226 22.88 -3.57 19.89
N ALA B 227 24.23 -3.45 19.85
CA ALA B 227 25.04 -3.88 21.00
C ALA B 227 24.77 -3.01 22.21
N ASP B 228 24.31 -1.76 21.99
CA ASP B 228 23.88 -0.90 23.09
C ASP B 228 22.78 -1.56 23.90
N LEU B 229 21.63 -1.83 23.27
CA LEU B 229 20.52 -2.45 23.99
C LEU B 229 20.83 -3.89 24.38
N GLU B 230 21.65 -4.59 23.60
CA GLU B 230 21.98 -5.98 23.93
C GLU B 230 22.94 -6.07 25.12
N ASP B 231 23.95 -5.19 25.16
CA ASP B 231 24.95 -5.28 26.22
C ASP B 231 24.36 -4.92 27.57
N ASN B 232 23.38 -4.01 27.61
CA ASN B 232 22.70 -3.69 28.86
C ASN B 232 22.03 -4.93 29.44
N TRP B 233 21.34 -5.71 28.61
CA TRP B 233 20.70 -6.94 29.06
C TRP B 233 21.73 -7.97 29.49
N GLU B 234 22.79 -8.14 28.71
CA GLU B 234 23.87 -9.02 29.15
C GLU B 234 24.39 -8.56 30.50
N THR B 235 24.59 -7.25 30.67
CA THR B 235 25.18 -6.72 31.90
C THR B 235 24.23 -6.85 33.09
N LEU B 236 22.93 -6.59 32.88
CA LEU B 236 21.99 -6.66 33.99
C LEU B 236 21.92 -8.07 34.57
N ASN B 237 21.71 -9.09 33.73
CA ASN B 237 21.62 -10.43 34.29
C ASN B 237 22.98 -10.98 34.68
N ASP B 238 24.07 -10.54 34.03
CA ASP B 238 25.39 -11.02 34.44
C ASP B 238 25.78 -10.43 35.79
N ASN B 239 25.39 -9.18 36.07
CA ASN B 239 25.66 -8.59 37.39
C ASN B 239 24.88 -9.29 38.50
N LEU B 240 23.63 -9.72 38.22
CA LEU B 240 22.82 -10.40 39.23
C LEU B 240 23.53 -11.62 39.78
N LYS B 241 24.24 -12.36 38.93
CA LYS B 241 24.99 -13.53 39.40
C LYS B 241 25.95 -13.14 40.52
N VAL B 242 26.59 -11.98 40.40
CA VAL B 242 27.45 -11.48 41.47
C VAL B 242 26.66 -11.36 42.76
N ILE B 243 25.43 -10.87 42.66
CA ILE B 243 24.67 -10.49 43.84
C ILE B 243 24.34 -11.69 44.72
N GLU B 244 24.36 -12.90 44.15
CA GLU B 244 24.13 -14.08 44.96
C GLU B 244 25.21 -14.24 46.01
N LYS B 245 26.46 -13.96 45.63
CA LYS B 245 27.61 -14.00 46.55
C LYS B 245 27.87 -12.66 47.24
N ASN B 248 31.94 -9.19 50.79
CA ASN B 248 30.74 -9.44 50.00
C ASN B 248 29.93 -8.14 49.85
N ALA B 249 29.78 -7.41 50.96
CA ALA B 249 29.05 -6.14 50.94
C ALA B 249 29.69 -5.14 49.98
N ALA B 250 31.02 -5.07 49.96
CA ALA B 250 31.72 -4.22 49.00
C ALA B 250 31.40 -4.61 47.56
N GLN B 251 31.39 -5.92 47.28
CA GLN B 251 30.99 -6.38 45.95
C GLN B 251 29.50 -6.13 45.71
N VAL B 252 28.69 -6.15 46.78
CA VAL B 252 27.24 -6.13 46.62
C VAL B 252 26.77 -4.75 46.19
N LYS B 253 27.45 -3.69 46.65
CA LYS B 253 27.03 -2.33 46.32
C LYS B 253 27.10 -2.07 44.82
N ASP B 254 28.28 -2.32 44.22
CA ASP B 254 28.51 -1.95 42.83
C ASP B 254 27.53 -2.64 41.89
N ALA B 255 27.30 -3.94 42.10
CA ALA B 255 26.40 -4.69 41.23
C ALA B 255 24.98 -4.11 41.24
N LEU B 256 24.45 -3.83 42.44
CA LEU B 256 23.11 -3.28 42.53
C LEU B 256 23.02 -1.94 41.82
N THR B 257 24.07 -1.13 41.92
CA THR B 257 24.05 0.21 41.32
C THR B 257 24.32 0.13 39.83
N LYS B 258 25.34 -0.62 39.41
CA LYS B 258 25.65 -0.72 37.98
C LYS B 258 24.49 -1.31 37.22
N MET B 259 23.85 -2.36 37.77
CA MET B 259 22.67 -2.95 37.14
C MET B 259 21.53 -1.95 37.05
N ARG B 260 21.37 -1.11 38.08
CA ARG B 260 20.33 -0.08 38.05
C ARG B 260 20.56 0.93 36.94
N ALA B 261 21.83 1.22 36.61
CA ALA B 261 22.14 2.18 35.55
C ALA B 261 21.91 1.60 34.16
N ALA B 262 22.24 0.31 33.98
CA ALA B 262 21.97 -0.36 32.70
C ALA B 262 20.49 -0.29 32.37
N ALA B 263 19.63 -0.64 33.32
CA ALA B 263 18.19 -0.52 33.10
C ALA B 263 17.79 0.91 32.79
N LEU B 264 18.44 1.88 33.42
CA LEU B 264 18.21 3.28 33.05
C LEU B 264 18.65 3.54 31.62
N ASP B 265 19.77 2.93 31.20
CA ASP B 265 20.23 3.05 29.82
C ASP B 265 19.30 2.31 28.86
N ALA B 266 18.86 1.10 29.24
CA ALA B 266 17.94 0.32 28.41
C ALA B 266 16.48 0.78 28.49
N GLN B 267 16.14 1.71 29.40
CA GLN B 267 14.80 2.30 29.38
C GLN B 267 14.57 3.05 28.07
N LYS B 268 15.51 3.92 27.67
CA LYS B 268 15.56 4.48 26.31
C LYS B 268 16.98 4.24 25.78
N ALA B 269 17.18 3.07 25.17
CA ALA B 269 18.46 2.49 24.70
C ALA B 269 19.71 3.37 24.81
N SER B 281 5.15 1.47 24.20
CA SER B 281 3.74 1.27 24.56
C SER B 281 3.66 1.56 26.10
N PRO B 282 2.46 1.70 26.69
CA PRO B 282 2.40 1.84 28.18
C PRO B 282 2.94 0.63 28.93
N GLU B 283 2.68 -0.59 28.47
CA GLU B 283 3.25 -1.76 29.14
C GLU B 283 4.77 -1.67 29.21
N MET B 284 5.42 -1.41 28.06
CA MET B 284 6.87 -1.27 28.06
C MET B 284 7.34 -0.16 28.98
N LYS B 285 6.65 1.00 28.97
CA LYS B 285 6.93 2.07 29.91
C LYS B 285 6.69 1.64 31.34
N ASP B 286 5.58 0.92 31.59
CA ASP B 286 5.31 0.37 32.92
C ASP B 286 6.39 -0.63 33.31
N PHE B 287 6.85 -1.44 32.35
CA PHE B 287 7.87 -2.43 32.63
C PHE B 287 9.19 -1.79 33.06
N ARG B 288 9.56 -0.67 32.41
CA ARG B 288 10.79 0.03 32.77
C ARG B 288 10.80 0.41 34.25
N HIS B 289 9.72 1.05 34.72
CA HIS B 289 9.57 1.31 36.15
C HIS B 289 9.37 0.03 36.94
N GLY B 290 8.52 -0.89 36.42
CA GLY B 290 8.23 -2.14 37.14
C GLY B 290 9.44 -3.03 37.34
N PHE B 291 10.35 -3.03 36.35
CA PHE B 291 11.64 -3.69 36.46
C PHE B 291 12.70 -2.79 37.09
N ASP B 292 12.39 -1.52 37.34
CA ASP B 292 13.27 -0.70 38.17
C ASP B 292 12.78 -0.63 39.62
N ILE B 293 11.50 -0.92 39.85
CA ILE B 293 11.01 -1.10 41.21
C ILE B 293 11.76 -2.22 41.90
N LEU B 294 12.00 -3.33 41.20
CA LEU B 294 12.76 -4.43 41.77
C LEU B 294 14.18 -4.00 42.12
N VAL B 295 14.82 -3.24 41.24
CA VAL B 295 16.17 -2.78 41.54
C VAL B 295 16.17 -1.87 42.75
N GLY B 296 15.16 -0.99 42.85
CA GLY B 296 15.10 -0.06 43.96
C GLY B 296 15.08 -0.73 45.31
N GLN B 297 14.20 -1.73 45.50
CA GLN B 297 14.16 -2.46 46.76
C GLN B 297 15.51 -3.11 47.06
N ILE B 298 16.17 -3.64 46.03
CA ILE B 298 17.50 -4.20 46.24
C ILE B 298 18.53 -3.09 46.47
N ASP B 299 18.29 -1.90 45.90
CA ASP B 299 19.23 -0.79 46.06
C ASP B 299 19.24 -0.28 47.50
N ASP B 300 18.09 -0.34 48.20
CA ASP B 300 17.96 0.36 49.49
C ASP B 300 18.69 -0.39 50.62
N ALA B 301 18.76 -1.72 50.55
CA ALA B 301 19.53 -2.50 51.51
C ALA B 301 20.85 -3.02 50.96
N ALA B 313 22.12 -6.86 54.31
CA ALA B 313 22.55 -7.25 52.97
C ALA B 313 21.79 -8.49 52.49
N GLN B 314 21.67 -9.48 53.38
CA GLN B 314 20.93 -10.69 53.05
C GLN B 314 19.44 -10.39 52.83
N ALA B 315 18.91 -9.42 53.57
CA ALA B 315 17.47 -9.16 53.56
C ALA B 315 16.99 -8.74 52.16
N ALA B 316 17.79 -7.95 51.43
CA ALA B 316 17.41 -7.49 50.10
C ALA B 316 17.99 -8.32 48.97
N ALA B 317 18.95 -9.20 49.24
CA ALA B 317 19.43 -10.08 48.18
C ALA B 317 18.33 -11.01 47.71
N GLU B 318 17.40 -11.35 48.60
CA GLU B 318 16.29 -12.24 48.23
C GLU B 318 15.27 -11.49 47.37
N GLN B 319 15.06 -10.20 47.65
CA GLN B 319 14.24 -9.35 46.80
C GLN B 319 15.01 -8.77 45.61
N LEU B 320 16.35 -8.84 45.61
CA LEU B 320 17.12 -8.52 44.41
C LEU B 320 16.83 -9.50 43.29
N LYS B 321 16.81 -10.79 43.59
CA LYS B 321 16.50 -11.80 42.58
C LYS B 321 15.00 -12.03 42.54
N THR B 322 14.28 -10.94 42.38
CA THR B 322 12.84 -10.97 42.24
C THR B 322 12.49 -10.37 40.88
N THR B 323 13.29 -10.73 39.89
CA THR B 323 13.06 -10.35 38.51
C THR B 323 12.15 -11.35 37.79
N ARG B 324 11.43 -12.17 38.57
CA ARG B 324 10.63 -13.27 38.03
C ARG B 324 9.39 -12.81 37.28
N ASN B 325 8.74 -11.74 37.74
CA ASN B 325 7.48 -11.32 37.11
C ASN B 325 7.67 -11.10 35.60
N ALA B 326 8.62 -10.24 35.19
CA ALA B 326 8.70 -9.75 33.81
C ALA B 326 9.95 -10.25 33.09
N TYR B 327 9.90 -11.51 32.61
CA TYR B 327 10.92 -12.05 31.70
C TYR B 327 10.57 -11.79 30.26
N ILE B 328 9.41 -11.18 30.02
CA ILE B 328 8.95 -10.87 28.68
C ILE B 328 9.45 -9.53 28.20
N GLN B 329 10.15 -8.77 29.05
CA GLN B 329 10.82 -7.59 28.54
C GLN B 329 11.84 -7.98 27.49
N LYS B 330 12.63 -9.02 27.72
CA LYS B 330 13.54 -9.47 26.67
C LYS B 330 12.80 -9.97 25.45
N TYR B 331 11.58 -10.49 25.62
CA TYR B 331 10.91 -11.00 24.43
C TYR B 331 10.46 -9.92 23.44
N LEU B 332 9.93 -8.77 23.86
CA LEU B 332 9.54 -7.80 22.86
C LEU B 332 10.67 -6.83 22.48
N THR B 333 11.75 -6.79 23.22
CA THR B 333 12.87 -6.03 22.70
C THR B 333 13.63 -6.83 21.65
N MET B 334 14.15 -8.00 22.06
CA MET B 334 14.81 -8.92 21.14
C MET B 334 13.89 -9.34 20.01
N GLN B 335 12.59 -9.33 20.23
CA GLN B 335 11.70 -9.56 19.11
C GLN B 335 11.87 -8.47 18.09
N SER B 336 11.81 -7.23 18.56
CA SER B 336 11.76 -6.12 17.64
C SER B 336 13.11 -5.89 16.98
N ILE B 337 14.24 -6.14 17.67
CA ILE B 337 15.50 -5.92 16.96
C ILE B 337 15.68 -6.95 15.83
N SER B 338 15.17 -8.17 16.01
CA SER B 338 15.08 -9.05 14.84
C SER B 338 14.07 -8.50 13.84
N ASN B 339 12.91 -8.02 14.32
CA ASN B 339 11.90 -7.45 13.43
C ASN B 339 12.46 -6.30 12.60
N GLU B 340 13.21 -5.40 13.23
CA GLU B 340 13.77 -4.28 12.47
C GLU B 340 14.88 -4.79 11.57
N GLN B 341 15.73 -5.70 12.06
CA GLN B 341 16.86 -6.17 11.26
C GLN B 341 16.37 -7.01 10.09
N LYS B 342 15.25 -7.72 10.27
CA LYS B 342 14.64 -8.43 9.15
C LYS B 342 14.03 -7.46 8.17
N ALA B 343 13.30 -6.46 8.65
CA ALA B 343 12.72 -5.50 7.71
C ALA B 343 13.77 -4.64 7.02
N CYS B 344 15.02 -4.61 7.49
CA CYS B 344 16.08 -4.03 6.66
C CYS B 344 16.29 -4.87 5.42
N LYS B 345 16.37 -6.21 5.56
CA LYS B 345 16.74 -7.04 4.43
C LYS B 345 15.68 -7.00 3.33
N VAL B 346 14.41 -6.79 3.68
CA VAL B 346 13.38 -6.59 2.66
C VAL B 346 13.61 -5.29 1.90
N LEU B 347 13.93 -4.20 2.62
CA LEU B 347 14.14 -2.90 1.98
C LEU B 347 15.49 -2.81 1.29
N GLY B 348 16.47 -3.55 1.78
CA GLY B 348 17.74 -3.62 1.07
C GLY B 348 17.60 -4.16 -0.34
N ILE B 349 16.86 -5.27 -0.51
CA ILE B 349 16.80 -5.83 -1.84
C ILE B 349 15.87 -5.02 -2.73
N VAL B 350 14.81 -4.42 -2.16
CA VAL B 350 13.97 -3.55 -2.99
C VAL B 350 14.78 -2.41 -3.57
N PHE B 351 15.67 -1.82 -2.77
CA PHE B 351 16.56 -0.79 -3.28
C PHE B 351 17.53 -1.35 -4.30
N PHE B 352 18.28 -2.38 -3.88
CA PHE B 352 19.40 -2.83 -4.68
C PHE B 352 18.98 -3.16 -6.10
N LEU B 353 17.95 -3.98 -6.25
CA LEU B 353 17.65 -4.39 -7.59
C LEU B 353 16.98 -3.28 -8.37
N PHE B 354 16.26 -2.35 -7.71
CA PHE B 354 15.68 -1.23 -8.47
C PHE B 354 16.76 -0.38 -9.13
N VAL B 355 17.76 0.06 -8.38
CA VAL B 355 18.78 0.88 -9.01
C VAL B 355 19.68 0.04 -9.92
N VAL B 356 19.86 -1.25 -9.58
CA VAL B 356 20.70 -2.11 -10.39
C VAL B 356 20.04 -2.39 -11.73
N MET B 357 18.76 -2.76 -11.70
CA MET B 357 18.06 -3.09 -12.92
C MET B 357 18.02 -1.91 -13.87
N TRP B 358 17.84 -0.69 -13.35
CA TRP B 358 17.80 0.52 -14.18
C TRP B 358 19.18 1.04 -14.47
N CYS B 359 20.18 0.57 -13.76
CA CYS B 359 21.51 1.09 -13.99
C CYS B 359 22.01 0.87 -15.42
N PRO B 360 21.79 -0.27 -16.11
CA PRO B 360 22.40 -0.41 -17.44
C PRO B 360 21.86 0.60 -18.42
N PHE B 361 20.57 0.87 -18.32
CA PHE B 361 19.93 1.79 -19.25
C PHE B 361 20.58 3.17 -19.15
N PHE B 362 20.78 3.66 -17.94
CA PHE B 362 21.28 5.02 -17.81
C PHE B 362 22.76 5.10 -18.15
N ILE B 363 23.59 4.21 -17.62
CA ILE B 363 25.00 4.36 -17.96
C ILE B 363 25.21 4.27 -19.47
N THR B 364 24.42 3.44 -20.18
CA THR B 364 24.56 3.38 -21.65
C THR B 364 23.85 4.56 -22.33
N ASN B 365 22.76 5.04 -21.73
CA ASN B 365 22.11 6.25 -22.23
C ASN B 365 22.99 7.46 -22.05
N ILE B 366 23.70 7.55 -20.93
CA ILE B 366 24.68 8.61 -20.76
C ILE B 366 25.73 8.54 -21.87
N MET B 367 26.25 7.35 -22.13
CA MET B 367 27.21 7.20 -23.20
C MET B 367 26.64 7.54 -24.58
N ALA B 368 25.33 7.45 -24.77
CA ALA B 368 24.79 7.82 -26.07
C ALA B 368 25.09 9.26 -26.38
N VAL B 369 24.83 10.16 -25.44
CA VAL B 369 25.12 11.56 -25.65
C VAL B 369 26.57 11.89 -25.31
N ILE B 370 27.22 11.12 -24.42
CA ILE B 370 28.57 11.47 -24.02
C ILE B 370 29.54 11.26 -25.17
N CYS B 371 29.25 10.30 -26.06
CA CYS B 371 30.10 10.08 -27.24
C CYS B 371 29.26 10.08 -28.51
N LYS B 372 28.39 11.09 -28.67
CA LYS B 372 27.67 11.21 -29.96
C LYS B 372 28.65 11.16 -31.12
N GLU B 373 29.81 11.77 -30.97
CA GLU B 373 30.75 11.90 -32.09
C GLU B 373 31.44 10.59 -32.45
N SER B 374 31.73 9.72 -31.47
CA SER B 374 32.63 8.61 -31.82
C SER B 374 32.11 7.19 -31.52
N CYS B 375 30.82 7.00 -31.25
CA CYS B 375 30.36 5.65 -30.99
C CYS B 375 29.09 5.31 -31.80
N ASN B 376 29.00 4.03 -32.16
CA ASN B 376 27.99 3.48 -33.05
C ASN B 376 26.60 3.50 -32.45
N GLU B 377 25.75 4.40 -32.95
CA GLU B 377 24.45 4.61 -32.34
C GLU B 377 23.44 3.54 -32.69
N ASP B 378 23.69 2.73 -33.72
CA ASP B 378 22.83 1.57 -33.93
C ASP B 378 23.08 0.52 -32.85
N VAL B 379 24.36 0.32 -32.47
CA VAL B 379 24.71 -0.64 -31.43
C VAL B 379 24.10 -0.22 -30.09
N ILE B 380 24.41 0.99 -29.64
CA ILE B 380 23.90 1.42 -28.35
C ILE B 380 22.46 1.92 -28.40
N GLY B 381 21.91 2.21 -29.57
CA GLY B 381 20.47 2.32 -29.66
C GLY B 381 19.81 0.97 -29.44
N ALA B 382 20.40 -0.10 -30.00
CA ALA B 382 19.81 -1.41 -29.83
C ALA B 382 19.76 -1.78 -28.36
N LEU B 383 20.90 -1.66 -27.68
CA LEU B 383 20.99 -1.99 -26.26
C LEU B 383 19.89 -1.33 -25.45
N LEU B 384 19.56 -0.08 -25.78
CA LEU B 384 18.64 0.65 -24.91
C LEU B 384 17.28 0.00 -24.91
N ASN B 385 16.84 -0.52 -26.06
CA ASN B 385 15.55 -1.18 -26.17
C ASN B 385 15.44 -2.36 -25.22
N VAL B 386 16.45 -3.22 -25.22
CA VAL B 386 16.49 -4.31 -24.25
C VAL B 386 16.71 -3.78 -22.84
N PHE B 387 17.50 -2.73 -22.69
CA PHE B 387 17.82 -2.25 -21.34
C PHE B 387 16.70 -1.45 -20.67
N VAL B 388 15.69 -0.97 -21.39
CA VAL B 388 14.52 -0.47 -20.67
C VAL B 388 13.76 -1.62 -20.05
N TRP B 389 13.57 -2.71 -20.77
CA TRP B 389 12.78 -3.78 -20.18
C TRP B 389 13.50 -4.49 -19.05
N ILE B 390 14.83 -4.59 -19.04
CA ILE B 390 15.48 -4.96 -17.80
C ILE B 390 15.04 -4.02 -16.69
N GLY B 391 15.15 -2.71 -16.93
CA GLY B 391 14.66 -1.75 -15.95
C GLY B 391 13.17 -1.87 -15.73
N TYR B 392 12.40 -1.93 -16.81
CA TYR B 392 10.95 -2.00 -16.69
C TYR B 392 10.51 -3.18 -15.83
N ALA B 393 11.27 -4.27 -15.84
CA ALA B 393 10.86 -5.41 -15.05
C ALA B 393 10.97 -5.16 -13.55
N SER B 394 11.64 -4.09 -13.11
CA SER B 394 11.69 -3.82 -11.67
C SER B 394 10.31 -3.47 -11.11
N SER B 395 9.37 -3.09 -11.97
CA SER B 395 8.01 -2.83 -11.50
C SER B 395 7.27 -4.12 -11.14
N ALA B 396 7.61 -5.24 -11.78
CA ALA B 396 7.02 -6.51 -11.38
C ALA B 396 7.62 -7.00 -10.08
N VAL B 397 8.89 -6.68 -9.82
CA VAL B 397 9.65 -7.37 -8.79
C VAL B 397 9.13 -7.12 -7.37
N ASN B 398 8.60 -5.95 -7.07
CA ASN B 398 8.38 -5.66 -5.66
C ASN B 398 7.35 -6.57 -5.04
N PRO B 399 6.16 -6.78 -5.60
CA PRO B 399 5.24 -7.75 -4.97
C PRO B 399 5.86 -9.11 -4.75
N LEU B 400 6.59 -9.64 -5.72
CA LEU B 400 7.18 -10.97 -5.56
C LEU B 400 8.24 -10.97 -4.46
N VAL B 401 8.89 -9.84 -4.21
CA VAL B 401 9.84 -9.78 -3.09
C VAL B 401 9.14 -9.78 -1.73
N TYR B 402 7.95 -9.16 -1.62
CA TYR B 402 7.26 -9.25 -0.34
C TYR B 402 6.78 -10.66 -0.02
N THR B 403 6.04 -11.29 -0.92
CA THR B 403 5.55 -12.65 -0.64
C THR B 403 6.70 -13.55 -0.21
N LEU B 404 7.86 -13.39 -0.85
CA LEU B 404 9.00 -14.22 -0.52
C LEU B 404 9.44 -14.03 0.93
N PHE B 405 9.39 -12.78 1.44
CA PHE B 405 9.91 -12.50 2.77
C PHE B 405 8.89 -12.08 3.83
N ASN B 406 7.77 -11.44 3.51
CA ASN B 406 6.79 -11.02 4.52
C ASN B 406 5.57 -11.94 4.49
N LYS B 407 5.43 -12.82 5.50
CA LYS B 407 4.36 -13.83 5.45
C LYS B 407 2.97 -13.20 5.55
N THR B 408 2.88 -11.94 5.99
CA THR B 408 1.59 -11.27 6.07
C THR B 408 1.09 -10.86 4.70
N TYR B 409 2.03 -10.59 3.78
CA TYR B 409 1.68 -10.27 2.39
C TYR B 409 1.23 -11.50 1.61
N ARG B 410 1.96 -12.62 1.69
CA ARG B 410 1.57 -13.79 0.90
C ARG B 410 0.23 -14.31 1.36
N SER B 411 0.00 -14.33 2.67
CA SER B 411 -1.29 -14.78 3.19
C SER B 411 -2.41 -13.91 2.65
N ALA B 412 -2.15 -12.61 2.45
CA ALA B 412 -3.17 -11.71 1.89
C ALA B 412 -3.43 -12.02 0.43
N PHE B 413 -2.36 -12.18 -0.37
CA PHE B 413 -2.51 -12.32 -1.81
C PHE B 413 -3.30 -13.59 -2.13
N SER B 414 -3.07 -14.68 -1.37
CA SER B 414 -3.82 -15.93 -1.54
C SER B 414 -5.31 -15.72 -1.30
N ARG B 415 -5.66 -14.94 -0.27
CA ARG B 415 -7.07 -14.63 -0.04
C ARG B 415 -7.66 -13.98 -1.28
N TYR B 416 -6.98 -12.96 -1.81
CA TYR B 416 -7.54 -12.17 -2.90
C TYR B 416 -7.53 -12.90 -4.24
N ILE B 417 -6.59 -13.83 -4.46
CA ILE B 417 -6.57 -14.48 -5.77
C ILE B 417 -7.81 -15.33 -5.96
N GLN B 418 -8.38 -15.84 -4.87
CA GLN B 418 -9.66 -16.54 -4.96
C GLN B 418 -10.86 -15.60 -4.81
N CYS B 419 -10.62 -14.28 -4.74
CA CYS B 419 -11.62 -13.23 -4.58
C CYS B 419 -12.27 -13.24 -3.19
N GLN B 420 -11.63 -13.86 -2.21
CA GLN B 420 -12.21 -14.03 -0.89
C GLN B 420 -11.47 -13.16 0.12
N TYR B 421 -12.19 -12.22 0.75
CA TYR B 421 -11.65 -11.32 1.76
C TYR B 421 -12.14 -11.74 3.14
N LYS B 422 -11.20 -12.10 4.03
CA LYS B 422 -11.55 -12.59 5.38
C LYS B 422 -11.14 -11.64 6.52
N LEU C 30 -21.32 -45.28 -53.93
CA LEU C 30 -20.74 -43.97 -54.14
C LEU C 30 -19.96 -43.49 -52.93
N HIS C 31 -19.53 -42.22 -52.99
CA HIS C 31 -18.87 -41.55 -51.87
C HIS C 31 -19.86 -40.77 -51.02
N LEU C 32 -21.12 -40.65 -51.45
CA LEU C 32 -22.16 -40.13 -50.59
C LEU C 32 -22.33 -41.03 -49.36
N GLN C 33 -22.29 -42.35 -49.57
CA GLN C 33 -22.25 -43.28 -48.44
C GLN C 33 -20.98 -43.12 -47.62
N GLU C 34 -19.84 -42.91 -48.30
CA GLU C 34 -18.55 -42.83 -47.61
C GLU C 34 -18.46 -41.59 -46.74
N LYS C 35 -18.78 -40.42 -47.28
CA LYS C 35 -18.74 -39.20 -46.46
C LYS C 35 -19.65 -39.34 -45.25
N ASN C 36 -20.85 -39.88 -45.46
CA ASN C 36 -21.75 -40.15 -44.35
C ASN C 36 -21.11 -41.08 -43.34
N TRP C 37 -20.52 -42.19 -43.80
CA TRP C 37 -19.88 -43.11 -42.85
C TRP C 37 -18.72 -42.46 -42.11
N SER C 38 -18.01 -41.55 -42.77
CA SER C 38 -16.99 -40.78 -42.06
C SER C 38 -17.64 -39.72 -41.18
N ALA C 39 -18.53 -38.90 -41.74
CA ALA C 39 -19.01 -37.74 -40.98
C ALA C 39 -19.95 -38.14 -39.85
N LEU C 40 -20.51 -39.36 -39.89
CA LEU C 40 -21.15 -39.89 -38.69
C LEU C 40 -20.13 -40.02 -37.57
N LEU C 41 -19.03 -40.73 -37.83
CA LEU C 41 -18.03 -40.97 -36.79
C LEU C 41 -17.53 -39.67 -36.18
N THR C 42 -17.18 -38.67 -37.01
CA THR C 42 -16.67 -37.41 -36.48
C THR C 42 -17.77 -36.67 -35.72
N ALA C 43 -19.02 -36.81 -36.16
CA ALA C 43 -20.12 -36.24 -35.39
C ALA C 43 -20.24 -36.94 -34.04
N VAL C 44 -20.02 -38.25 -34.00
CA VAL C 44 -19.99 -38.92 -32.72
C VAL C 44 -18.80 -38.40 -31.88
N VAL C 45 -17.65 -38.20 -32.53
CA VAL C 45 -16.43 -37.83 -31.81
C VAL C 45 -16.50 -36.40 -31.27
N ILE C 46 -17.14 -35.47 -31.99
CA ILE C 46 -17.33 -34.19 -31.36
C ILE C 46 -18.30 -34.30 -30.19
N ILE C 47 -19.36 -35.10 -30.33
CA ILE C 47 -20.40 -35.10 -29.30
C ILE C 47 -19.84 -35.63 -27.99
N LEU C 48 -19.11 -36.74 -28.03
CA LEU C 48 -18.50 -37.25 -26.80
C LEU C 48 -17.50 -36.25 -26.23
N THR C 49 -16.89 -35.44 -27.10
CA THR C 49 -15.81 -34.55 -26.66
C THR C 49 -16.34 -33.40 -25.83
N ILE C 50 -17.28 -32.62 -26.39
CA ILE C 50 -17.79 -31.46 -25.67
C ILE C 50 -18.72 -31.90 -24.53
N ALA C 51 -19.57 -32.91 -24.75
CA ALA C 51 -20.39 -33.41 -23.65
C ALA C 51 -19.55 -34.05 -22.57
N GLY C 52 -18.59 -34.87 -22.95
CA GLY C 52 -17.77 -35.54 -21.95
C GLY C 52 -17.01 -34.56 -21.08
N ASN C 53 -16.32 -33.60 -21.68
CA ASN C 53 -15.50 -32.71 -20.87
C ASN C 53 -16.37 -31.71 -20.12
N ILE C 54 -17.56 -31.36 -20.63
CA ILE C 54 -18.44 -30.50 -19.85
C ILE C 54 -18.60 -31.05 -18.43
N LEU C 55 -18.84 -32.37 -18.34
CA LEU C 55 -19.11 -33.01 -17.05
C LEU C 55 -17.88 -33.05 -16.16
N VAL C 56 -16.69 -33.19 -16.73
CA VAL C 56 -15.48 -33.12 -15.92
C VAL C 56 -15.33 -31.72 -15.30
N ILE C 57 -15.74 -30.67 -16.04
CA ILE C 57 -15.69 -29.32 -15.49
C ILE C 57 -16.79 -29.09 -14.46
N MET C 58 -17.94 -29.73 -14.63
CA MET C 58 -18.94 -29.67 -13.58
C MET C 58 -18.40 -30.27 -12.30
N ALA C 59 -17.87 -31.49 -12.39
CA ALA C 59 -17.59 -32.28 -11.20
C ALA C 59 -16.59 -31.58 -10.27
N VAL C 60 -15.46 -31.12 -10.82
CA VAL C 60 -14.43 -30.51 -9.97
C VAL C 60 -14.97 -29.25 -9.29
N SER C 61 -15.71 -28.43 -10.03
CA SER C 61 -16.22 -27.18 -9.49
C SER C 61 -17.33 -27.42 -8.47
N LEU C 62 -18.20 -28.40 -8.69
CA LEU C 62 -19.38 -28.57 -7.85
C LEU C 62 -19.25 -29.71 -6.84
N GLU C 63 -18.17 -30.48 -6.85
CA GLU C 63 -18.01 -31.59 -5.92
C GLU C 63 -16.74 -31.42 -5.10
N LYS C 64 -16.87 -31.56 -3.77
CA LYS C 64 -15.79 -31.19 -2.86
C LYS C 64 -14.72 -32.28 -2.82
N LYS C 65 -15.11 -33.54 -2.99
CA LYS C 65 -14.13 -34.61 -2.86
C LYS C 65 -13.06 -34.54 -3.95
N LEU C 66 -13.37 -33.96 -5.12
CA LEU C 66 -12.46 -33.86 -6.27
C LEU C 66 -11.68 -32.57 -6.35
N GLN C 67 -11.71 -31.76 -5.31
CA GLN C 67 -10.96 -30.51 -5.27
C GLN C 67 -9.62 -30.80 -4.64
N ASN C 68 -8.60 -30.84 -5.48
CA ASN C 68 -7.23 -31.04 -5.04
C ASN C 68 -6.36 -30.66 -6.23
N ALA C 69 -5.05 -30.58 -6.00
CA ALA C 69 -4.15 -29.99 -6.98
C ALA C 69 -4.21 -30.72 -8.33
N THR C 70 -4.15 -32.04 -8.31
CA THR C 70 -4.11 -32.74 -9.59
C THR C 70 -5.43 -32.57 -10.35
N ASN C 71 -6.59 -32.62 -9.67
CA ASN C 71 -7.85 -32.42 -10.40
C ASN C 71 -8.18 -30.96 -10.74
N TYR C 72 -7.42 -30.00 -10.25
CA TYR C 72 -7.54 -28.68 -10.84
C TYR C 72 -6.82 -28.59 -12.16
N PHE C 73 -5.81 -29.41 -12.38
CA PHE C 73 -5.19 -29.47 -13.68
C PHE C 73 -6.14 -30.11 -14.69
N LEU C 74 -6.79 -31.18 -14.26
CA LEU C 74 -7.71 -31.95 -15.10
C LEU C 74 -9.00 -31.19 -15.37
N MET C 75 -9.32 -30.25 -14.50
CA MET C 75 -10.37 -29.33 -14.86
C MET C 75 -9.92 -28.41 -15.98
N SER C 76 -8.71 -27.88 -15.87
CA SER C 76 -8.24 -26.88 -16.82
C SER C 76 -7.91 -27.51 -18.15
N LEU C 77 -7.31 -28.70 -18.14
CA LEU C 77 -7.12 -29.43 -19.38
C LEU C 77 -8.47 -29.64 -20.04
N ALA C 78 -9.50 -29.96 -19.25
CA ALA C 78 -10.79 -30.32 -19.83
C ALA C 78 -11.45 -29.15 -20.54
N ILE C 79 -11.26 -27.92 -20.05
CA ILE C 79 -11.85 -26.79 -20.76
C ILE C 79 -11.17 -26.60 -22.11
N ALA C 80 -9.84 -26.85 -22.21
CA ALA C 80 -9.18 -26.78 -23.51
C ALA C 80 -9.70 -27.86 -24.46
N ASP C 81 -9.84 -29.10 -23.97
CA ASP C 81 -10.47 -30.16 -24.78
C ASP C 81 -11.87 -29.80 -25.20
N MET C 82 -12.72 -29.35 -24.26
CA MET C 82 -14.04 -28.83 -24.62
C MET C 82 -13.96 -27.61 -25.55
N LEU C 83 -12.99 -26.72 -25.34
CA LEU C 83 -12.83 -25.58 -26.24
C LEU C 83 -12.45 -26.01 -27.66
N LEU C 84 -11.74 -27.13 -27.80
CA LEU C 84 -11.61 -27.72 -29.13
C LEU C 84 -12.96 -28.10 -29.67
N GLY C 85 -13.71 -28.96 -28.97
CA GLY C 85 -15.01 -29.39 -29.47
C GLY C 85 -15.91 -28.26 -29.93
N PHE C 86 -15.88 -27.13 -29.21
CA PHE C 86 -16.76 -26.01 -29.54
C PHE C 86 -16.15 -25.03 -30.55
N LEU C 87 -14.89 -25.20 -30.96
CA LEU C 87 -14.33 -24.22 -31.86
C LEU C 87 -13.74 -24.84 -33.14
N VAL C 88 -12.88 -25.84 -33.00
CA VAL C 88 -12.04 -26.27 -34.10
C VAL C 88 -12.39 -27.64 -34.64
N MET C 89 -12.97 -28.52 -33.84
CA MET C 89 -13.31 -29.83 -34.36
C MET C 89 -14.39 -29.74 -35.43
N PRO C 90 -15.48 -28.99 -35.21
CA PRO C 90 -16.54 -29.01 -36.24
C PRO C 90 -16.08 -28.43 -37.57
N VAL C 91 -15.38 -27.29 -37.55
CA VAL C 91 -14.89 -26.68 -38.79
C VAL C 91 -14.02 -27.67 -39.55
N SER C 92 -13.25 -28.49 -38.84
CA SER C 92 -12.46 -29.54 -39.46
C SER C 92 -13.33 -30.67 -39.98
N MET C 93 -14.49 -30.93 -39.33
CA MET C 93 -15.48 -31.80 -39.95
C MET C 93 -16.13 -31.11 -41.15
N LEU C 94 -16.45 -29.82 -41.00
CA LEU C 94 -17.16 -29.11 -42.05
C LEU C 94 -16.45 -29.27 -43.39
N THR C 95 -15.13 -29.07 -43.42
CA THR C 95 -14.41 -29.17 -44.68
C THR C 95 -14.51 -30.58 -45.25
N ILE C 96 -14.56 -31.65 -44.42
CA ILE C 96 -14.75 -32.99 -44.96
C ILE C 96 -15.97 -33.04 -45.86
N LEU C 97 -17.09 -32.50 -45.38
CA LEU C 97 -18.27 -32.39 -46.21
C LEU C 97 -17.96 -31.65 -47.50
N TYR C 98 -17.51 -30.39 -47.38
CA TYR C 98 -17.32 -29.50 -48.53
C TYR C 98 -15.97 -29.74 -49.20
N GLY C 99 -15.79 -30.95 -49.73
CA GLY C 99 -14.52 -31.33 -50.38
C GLY C 99 -13.44 -31.51 -49.34
N TYR C 100 -12.33 -30.80 -49.51
CA TYR C 100 -11.43 -30.43 -48.41
C TYR C 100 -11.03 -28.97 -48.50
N ARG C 101 -11.48 -28.26 -49.54
CA ARG C 101 -11.21 -26.84 -49.70
C ARG C 101 -11.89 -26.04 -48.61
N TRP C 102 -11.31 -24.87 -48.29
CA TRP C 102 -11.80 -24.04 -47.19
C TRP C 102 -13.23 -23.57 -47.42
N PRO C 103 -14.15 -23.88 -46.51
CA PRO C 103 -15.54 -23.46 -46.70
C PRO C 103 -15.75 -22.08 -46.11
N LEU C 104 -14.84 -21.60 -45.31
CA LEU C 104 -14.97 -20.33 -44.63
C LEU C 104 -14.21 -19.24 -45.40
N PRO C 105 -14.20 -17.99 -44.93
CA PRO C 105 -13.47 -16.94 -45.67
C PRO C 105 -11.98 -17.26 -45.78
N SER C 106 -11.40 -16.86 -46.91
CA SER C 106 -9.95 -16.94 -47.02
C SER C 106 -9.32 -16.29 -45.81
N LYS C 107 -9.84 -15.14 -45.41
CA LYS C 107 -9.17 -14.35 -44.40
C LYS C 107 -9.08 -15.08 -43.07
N LEU C 108 -10.08 -15.89 -42.72
CA LEU C 108 -10.09 -16.53 -41.41
C LEU C 108 -9.83 -18.03 -41.45
N CYS C 109 -8.97 -18.50 -42.35
CA CYS C 109 -8.44 -19.82 -42.03
C CYS C 109 -7.40 -19.74 -40.92
N ALA C 110 -6.40 -18.86 -41.05
CA ALA C 110 -5.24 -18.92 -40.15
C ALA C 110 -5.60 -18.69 -38.69
N VAL C 111 -6.77 -18.11 -38.40
CA VAL C 111 -7.19 -18.09 -37.01
C VAL C 111 -7.58 -19.48 -36.54
N TRP C 112 -8.18 -20.28 -37.42
CA TRP C 112 -8.62 -21.64 -37.06
C TRP C 112 -7.44 -22.56 -36.81
N ILE C 113 -6.36 -22.38 -37.55
CA ILE C 113 -5.15 -23.16 -37.34
C ILE C 113 -4.55 -22.85 -35.98
N TYR C 114 -4.37 -21.57 -35.67
CA TYR C 114 -3.77 -21.12 -34.41
C TYR C 114 -4.57 -21.62 -33.19
N LEU C 115 -5.89 -21.49 -33.23
CA LEU C 115 -6.71 -22.00 -32.14
C LEU C 115 -6.41 -23.48 -31.91
N ASP C 116 -6.52 -24.28 -32.97
CA ASP C 116 -6.22 -25.72 -32.92
C ASP C 116 -4.81 -25.96 -32.39
N VAL C 117 -3.83 -25.18 -32.84
CA VAL C 117 -2.47 -25.40 -32.35
C VAL C 117 -2.38 -25.02 -30.87
N LEU C 118 -2.96 -23.87 -30.50
CA LEU C 118 -2.82 -23.36 -29.13
C LEU C 118 -3.51 -24.26 -28.11
N PHE C 119 -4.77 -24.60 -28.35
CA PHE C 119 -5.45 -25.43 -27.37
C PHE C 119 -4.74 -26.77 -27.28
N SER C 120 -4.34 -27.37 -28.41
CA SER C 120 -3.70 -28.68 -28.35
C SER C 120 -2.36 -28.64 -27.60
N THR C 121 -1.55 -27.59 -27.79
CA THR C 121 -0.29 -27.55 -27.03
C THR C 121 -0.55 -27.30 -25.55
N ALA C 122 -1.65 -26.60 -25.23
CA ALA C 122 -2.05 -26.45 -23.84
C ALA C 122 -2.42 -27.79 -23.22
N SER C 123 -3.06 -28.67 -24.00
CA SER C 123 -3.30 -30.01 -23.50
C SER C 123 -1.99 -30.74 -23.20
N ILE C 124 -1.06 -30.83 -24.15
CA ILE C 124 0.15 -31.60 -23.81
C ILE C 124 0.95 -30.92 -22.70
N MET C 125 0.89 -29.58 -22.60
CA MET C 125 1.58 -28.92 -21.48
C MET C 125 0.88 -29.22 -20.18
N HIS C 126 -0.45 -29.34 -20.21
CA HIS C 126 -1.17 -29.66 -18.99
C HIS C 126 -0.82 -31.08 -18.56
N LEU C 127 -0.81 -32.02 -19.50
CA LEU C 127 -0.38 -33.36 -19.14
C LEU C 127 1.04 -33.35 -18.63
N CYS C 128 1.94 -32.62 -19.28
CA CYS C 128 3.29 -32.48 -18.75
C CYS C 128 3.31 -31.89 -17.34
N ALA C 129 2.64 -30.76 -17.11
CA ALA C 129 2.69 -30.15 -15.80
C ALA C 129 2.22 -31.13 -14.72
N ILE C 130 1.15 -31.90 -14.99
CA ILE C 130 0.64 -32.74 -13.91
C ILE C 130 1.52 -33.97 -13.73
N SER C 131 2.40 -34.25 -14.69
CA SER C 131 3.35 -35.32 -14.45
C SER C 131 4.63 -34.78 -13.87
N LEU C 132 5.06 -33.59 -14.26
CA LEU C 132 6.16 -33.02 -13.52
C LEU C 132 5.73 -32.73 -12.09
N ASP C 133 4.44 -32.48 -11.85
CA ASP C 133 3.99 -32.13 -10.51
C ASP C 133 3.87 -33.37 -9.62
N ARG C 134 3.50 -34.52 -10.20
CA ARG C 134 3.41 -35.75 -9.41
C ARG C 134 4.80 -36.24 -9.02
N TYR C 135 5.78 -36.11 -9.92
CA TYR C 135 7.16 -36.46 -9.58
C TYR C 135 7.74 -35.50 -8.55
N VAL C 136 7.45 -34.19 -8.65
CA VAL C 136 8.05 -33.21 -7.76
C VAL C 136 7.44 -33.20 -6.38
N ALA C 137 6.43 -34.04 -6.11
CA ALA C 137 5.85 -34.16 -4.78
C ALA C 137 5.81 -35.59 -4.25
N ILE C 138 6.37 -36.58 -4.96
CA ILE C 138 6.54 -37.90 -4.37
C ILE C 138 7.44 -37.81 -3.14
N GLN C 139 8.55 -37.06 -3.27
CA GLN C 139 9.49 -36.92 -2.16
C GLN C 139 8.88 -36.16 -0.98
N ASN C 140 8.38 -34.94 -1.23
CA ASN C 140 7.83 -34.05 -0.19
C ASN C 140 8.77 -33.89 1.01
N HIS C 144 -0.03 -28.25 3.10
CA HIS C 144 -1.08 -28.37 2.08
C HIS C 144 -2.36 -27.70 2.53
N SER C 145 -2.29 -26.43 2.96
CA SER C 145 -3.48 -25.69 3.33
C SER C 145 -4.42 -25.63 2.14
N ARG C 146 -5.71 -25.90 2.39
CA ARG C 146 -6.70 -26.03 1.31
C ARG C 146 -6.85 -24.72 0.54
N PHE C 147 -6.95 -23.60 1.25
CA PHE C 147 -7.00 -22.30 0.57
C PHE C 147 -5.65 -21.90 0.00
N ASN C 148 -4.54 -22.28 0.67
CA ASN C 148 -3.22 -21.92 0.16
C ASN C 148 -2.79 -22.83 -0.99
N SER C 149 -3.02 -24.15 -0.88
CA SER C 149 -2.65 -25.05 -1.98
C SER C 149 -3.51 -24.81 -3.22
N ARG C 150 -4.81 -24.54 -3.03
CA ARG C 150 -5.71 -24.31 -4.17
C ARG C 150 -5.21 -23.16 -5.03
N THR C 151 -4.69 -22.09 -4.41
CA THR C 151 -4.05 -21.04 -5.19
C THR C 151 -2.66 -21.43 -5.66
N LYS C 152 -2.06 -22.47 -5.11
CA LYS C 152 -0.82 -22.96 -5.71
C LYS C 152 -1.11 -23.61 -7.07
N ALA C 153 -2.24 -24.33 -7.18
CA ALA C 153 -2.64 -24.89 -8.47
C ALA C 153 -3.02 -23.81 -9.46
N PHE C 154 -3.86 -22.88 -9.04
CA PHE C 154 -4.31 -21.81 -9.93
C PHE C 154 -3.15 -21.07 -10.56
N LEU C 155 -2.09 -20.80 -9.80
CA LEU C 155 -0.91 -20.18 -10.39
C LEU C 155 -0.24 -21.10 -11.40
N LYS C 156 -0.06 -22.39 -11.06
CA LYS C 156 0.57 -23.32 -11.98
C LYS C 156 -0.19 -23.44 -13.31
N ILE C 157 -1.51 -23.61 -13.26
CA ILE C 157 -2.22 -23.77 -14.51
C ILE C 157 -2.19 -22.46 -15.31
N ILE C 158 -2.20 -21.29 -14.65
CA ILE C 158 -1.97 -20.05 -15.38
C ILE C 158 -0.61 -20.09 -16.07
N ALA C 159 0.38 -20.69 -15.42
CA ALA C 159 1.72 -20.74 -16.00
C ALA C 159 1.75 -21.65 -17.22
N VAL C 160 0.88 -22.67 -17.25
CA VAL C 160 0.81 -23.52 -18.42
C VAL C 160 0.22 -22.80 -19.61
N TRP C 161 -0.73 -21.90 -19.40
CA TRP C 161 -1.31 -21.21 -20.54
C TRP C 161 -0.33 -20.24 -21.18
N THR C 162 0.46 -19.50 -20.38
CA THR C 162 1.34 -18.50 -20.97
C THR C 162 2.42 -19.17 -21.82
N ILE C 163 3.00 -20.27 -21.31
CA ILE C 163 4.00 -20.99 -22.11
C ILE C 163 3.39 -21.47 -23.41
N SER C 164 2.21 -22.11 -23.32
CA SER C 164 1.50 -22.55 -24.53
C SER C 164 1.14 -21.37 -25.44
N VAL C 165 0.70 -20.24 -24.87
CA VAL C 165 0.41 -19.10 -25.74
C VAL C 165 1.68 -18.62 -26.43
N GLY C 166 2.82 -18.66 -25.72
CA GLY C 166 4.08 -18.27 -26.31
C GLY C 166 4.49 -19.11 -27.50
N ILE C 167 4.33 -20.44 -27.41
CA ILE C 167 4.67 -21.30 -28.53
C ILE C 167 3.72 -21.09 -29.71
N SER C 168 2.50 -20.64 -29.42
CA SER C 168 1.44 -20.53 -30.41
C SER C 168 1.27 -19.12 -30.97
N MET C 169 2.10 -18.16 -30.53
CA MET C 169 1.89 -16.77 -30.94
C MET C 169 2.12 -16.50 -32.43
N PRO C 170 3.03 -17.17 -33.16
CA PRO C 170 3.41 -16.65 -34.47
C PRO C 170 2.62 -17.16 -35.66
N ILE C 171 1.71 -18.13 -35.48
CA ILE C 171 0.87 -18.58 -36.60
C ILE C 171 0.06 -17.44 -37.18
N PRO C 172 -0.71 -16.67 -36.38
CA PRO C 172 -1.42 -15.52 -36.99
C PRO C 172 -0.44 -14.53 -37.57
N VAL C 173 0.66 -14.30 -36.85
CA VAL C 173 1.63 -13.29 -37.26
C VAL C 173 2.09 -13.55 -38.69
N PHE C 174 2.35 -14.82 -39.05
CA PHE C 174 2.80 -15.18 -40.39
C PHE C 174 1.80 -16.07 -41.11
N GLN C 177 -1.23 -13.41 -41.83
CA GLN C 177 -0.95 -12.13 -42.45
C GLN C 177 -0.32 -12.35 -43.83
N ASP C 178 0.12 -13.58 -44.07
CA ASP C 178 0.48 -14.05 -45.41
C ASP C 178 -0.26 -15.35 -45.63
N ASP C 179 -0.88 -15.50 -46.80
CA ASP C 179 -1.64 -16.71 -47.12
C ASP C 179 -0.76 -17.79 -47.74
N SER C 180 0.52 -17.45 -47.99
CA SER C 180 1.48 -18.40 -48.53
C SER C 180 1.62 -19.63 -47.63
N LYS C 181 1.61 -19.42 -46.31
CA LYS C 181 2.06 -20.40 -45.32
C LYS C 181 0.90 -21.07 -44.61
N VAL C 182 -0.31 -20.95 -45.15
CA VAL C 182 -1.47 -21.49 -44.46
C VAL C 182 -2.38 -22.27 -45.43
N PHE C 183 -2.16 -22.13 -46.76
CA PHE C 183 -2.96 -22.87 -47.76
C PHE C 183 -2.10 -23.77 -48.64
N LYS C 184 -2.70 -24.86 -49.11
CA LYS C 184 -2.03 -25.78 -50.04
C LYS C 184 -3.07 -26.39 -50.97
N GLU C 185 -3.08 -25.97 -52.24
CA GLU C 185 -4.04 -26.45 -53.25
C GLU C 185 -5.48 -26.28 -52.77
N GLY C 186 -5.75 -25.13 -52.15
CA GLY C 186 -7.10 -24.74 -51.77
C GLY C 186 -7.57 -25.23 -50.42
N SER C 187 -6.69 -25.80 -49.62
CA SER C 187 -7.05 -26.38 -48.33
C SER C 187 -6.22 -25.73 -47.25
N CYS C 188 -6.67 -25.90 -46.02
CA CYS C 188 -6.03 -25.19 -44.93
C CYS C 188 -5.09 -26.15 -44.21
N LEU C 189 -3.79 -25.87 -44.36
CA LEU C 189 -2.67 -26.74 -44.04
C LEU C 189 -1.52 -25.89 -43.49
N LEU C 190 -0.79 -26.41 -42.50
CA LEU C 190 0.46 -25.76 -42.15
C LEU C 190 1.41 -26.01 -43.30
N ALA C 191 1.77 -24.96 -44.03
CA ALA C 191 2.44 -25.20 -45.30
C ALA C 191 3.88 -24.70 -45.36
N ASP C 192 4.46 -24.24 -44.25
CA ASP C 192 5.87 -23.93 -44.21
C ASP C 192 6.62 -25.15 -43.70
N ASP C 193 7.55 -25.70 -44.50
CA ASP C 193 8.29 -26.87 -44.02
C ASP C 193 8.82 -26.66 -42.61
N ASN C 194 9.48 -25.52 -42.37
CA ASN C 194 10.25 -25.39 -41.14
C ASN C 194 9.35 -25.28 -39.93
N PHE C 195 8.20 -24.60 -40.07
CA PHE C 195 7.28 -24.49 -38.94
C PHE C 195 6.44 -25.75 -38.79
N VAL C 196 6.29 -26.54 -39.84
CA VAL C 196 5.79 -27.89 -39.63
C VAL C 196 6.86 -28.73 -38.95
N LEU C 197 8.08 -28.68 -39.45
CA LEU C 197 9.09 -29.54 -38.88
C LEU C 197 9.40 -29.13 -37.43
N ILE C 198 9.65 -27.84 -37.20
CA ILE C 198 9.98 -27.34 -35.86
C ILE C 198 8.80 -27.51 -34.91
N GLY C 199 7.61 -27.03 -35.30
CA GLY C 199 6.46 -27.15 -34.43
C GLY C 199 6.17 -28.57 -33.99
N SER C 200 6.43 -29.55 -34.85
CA SER C 200 6.16 -30.92 -34.45
C SER C 200 7.05 -31.35 -33.28
N PHE C 201 8.29 -30.84 -33.22
CA PHE C 201 9.16 -31.26 -32.11
C PHE C 201 8.95 -30.41 -30.88
N VAL C 202 8.68 -29.12 -31.05
CA VAL C 202 8.49 -28.30 -29.86
C VAL C 202 7.16 -28.63 -29.19
N SER C 203 6.08 -28.75 -29.99
CA SER C 203 4.71 -28.92 -29.50
C SER C 203 4.25 -30.35 -29.42
N PHE C 204 4.99 -31.31 -29.97
CA PHE C 204 4.68 -32.67 -29.59
C PHE C 204 5.86 -33.39 -28.94
N PHE C 205 6.93 -33.63 -29.68
CA PHE C 205 7.85 -34.67 -29.27
C PHE C 205 8.61 -34.38 -27.98
N ILE C 206 9.23 -33.21 -27.85
CA ILE C 206 9.97 -32.99 -26.59
C ILE C 206 8.98 -32.82 -25.42
N PRO C 207 7.72 -32.35 -25.60
CA PRO C 207 6.76 -32.54 -24.49
C PRO C 207 6.34 -33.98 -24.31
N ALA C 208 6.14 -34.73 -25.39
CA ALA C 208 5.75 -36.12 -25.25
C ALA C 208 6.81 -36.88 -24.48
N THR C 209 8.07 -36.75 -24.91
CA THR C 209 9.13 -37.44 -24.18
C THR C 209 9.15 -37.04 -22.72
N ILE C 210 9.05 -35.73 -22.41
CA ILE C 210 9.12 -35.32 -21.01
C ILE C 210 8.13 -36.12 -20.18
N MET C 211 6.87 -36.12 -20.61
CA MET C 211 5.82 -36.65 -19.76
C MET C 211 5.98 -38.15 -19.61
N VAL C 212 6.30 -38.83 -20.70
CA VAL C 212 6.57 -40.27 -20.63
C VAL C 212 7.79 -40.58 -19.76
N ILE C 213 8.81 -39.70 -19.77
CA ILE C 213 10.02 -39.93 -18.97
C ILE C 213 9.72 -39.70 -17.49
N THR C 214 8.98 -38.64 -17.15
CA THR C 214 8.69 -38.42 -15.74
C THR C 214 7.65 -39.39 -15.20
N TYR C 215 6.75 -39.90 -16.03
CA TYR C 215 5.86 -40.94 -15.54
C TYR C 215 6.66 -42.17 -15.14
N PHE C 216 7.47 -42.70 -16.06
CA PHE C 216 8.23 -43.91 -15.75
C PHE C 216 9.24 -43.63 -14.65
N LEU C 217 9.86 -42.44 -14.64
CA LEU C 217 10.70 -42.07 -13.52
C LEU C 217 9.89 -41.90 -12.22
N THR C 218 8.62 -41.45 -12.29
CA THR C 218 7.80 -41.42 -11.07
C THR C 218 7.45 -42.84 -10.59
N ILE C 219 6.93 -43.70 -11.48
CA ILE C 219 6.53 -45.05 -11.07
C ILE C 219 7.70 -45.78 -10.43
N LYS C 220 8.90 -45.62 -10.98
CA LYS C 220 10.06 -46.21 -10.32
C LYS C 220 10.38 -45.49 -9.02
N SER C 221 10.00 -44.22 -8.92
CA SER C 221 10.28 -43.45 -7.73
C SER C 221 9.38 -43.88 -6.57
N LEU C 222 8.10 -44.14 -6.84
CA LEU C 222 7.13 -44.56 -5.83
C LEU C 222 7.17 -46.06 -5.52
N GLN C 223 7.80 -46.88 -6.39
CA GLN C 223 7.99 -48.30 -6.13
C GLN C 223 8.92 -48.54 -4.96
N LYS C 224 9.92 -47.66 -4.82
CA LYS C 224 10.84 -47.75 -3.70
C LYS C 224 10.16 -47.37 -2.40
N GLU C 225 9.48 -46.22 -2.38
CA GLU C 225 8.92 -45.70 -1.13
C GLU C 225 8.07 -46.71 -0.38
N ALA C 226 7.62 -47.79 -1.04
CA ALA C 226 6.83 -48.85 -0.41
C ALA C 226 7.61 -50.15 -0.20
N ALA C 227 8.71 -50.35 -0.92
CA ALA C 227 9.64 -51.34 -0.42
C ALA C 227 10.31 -50.81 0.83
N ASP C 228 10.57 -49.49 0.86
CA ASP C 228 11.15 -48.86 2.04
C ASP C 228 10.19 -48.87 3.21
N LEU C 229 8.92 -48.47 2.99
CA LEU C 229 7.94 -48.57 4.07
C LEU C 229 7.82 -49.99 4.57
N GLU C 230 7.70 -50.97 3.66
CA GLU C 230 7.51 -52.33 4.14
C GLU C 230 8.76 -52.88 4.78
N ASP C 231 9.94 -52.39 4.39
CA ASP C 231 11.14 -52.74 5.16
C ASP C 231 10.96 -52.40 6.62
N ASN C 232 10.56 -51.18 6.89
CA ASN C 232 10.41 -50.78 8.29
C ASN C 232 9.38 -51.66 8.99
N TRP C 233 8.19 -51.77 8.41
CA TRP C 233 7.14 -52.55 9.03
C TRP C 233 7.53 -54.01 9.13
N GLU C 234 8.33 -54.49 8.19
CA GLU C 234 8.82 -55.87 8.32
C GLU C 234 9.93 -55.98 9.34
N THR C 235 10.66 -54.89 9.57
CA THR C 235 11.67 -54.96 10.61
C THR C 235 11.03 -55.05 11.98
N LEU C 236 9.93 -54.33 12.19
CA LEU C 236 9.31 -54.29 13.51
C LEU C 236 8.70 -55.65 13.86
N ASN C 237 7.90 -56.22 12.95
CA ASN C 237 7.36 -57.55 13.20
C ASN C 237 8.49 -58.54 13.45
N ASP C 238 9.43 -58.63 12.52
CA ASP C 238 10.49 -59.61 12.62
C ASP C 238 11.22 -59.44 13.96
N ASN C 239 11.68 -58.21 14.24
CA ASN C 239 12.48 -58.03 15.44
C ASN C 239 11.64 -57.96 16.70
N LEU C 240 10.32 -57.93 16.59
CA LEU C 240 9.56 -58.12 17.82
C LEU C 240 9.66 -59.57 18.23
N LYS C 241 9.60 -60.49 17.26
CA LYS C 241 9.61 -61.93 17.56
C LYS C 241 10.81 -62.32 18.40
N VAL C 242 11.99 -61.81 18.06
CA VAL C 242 13.17 -62.19 18.83
C VAL C 242 13.04 -61.70 20.26
N ILE C 243 12.38 -60.56 20.48
CA ILE C 243 12.24 -60.08 21.86
C ILE C 243 11.38 -61.05 22.67
N GLU C 244 10.36 -61.62 22.04
CA GLU C 244 9.60 -62.75 22.57
C GLU C 244 10.41 -64.07 22.67
N LYS C 245 11.66 -64.09 22.20
CA LYS C 245 12.53 -65.26 22.36
C LYS C 245 13.29 -65.17 23.68
N ALA C 246 13.61 -66.34 24.23
CA ALA C 246 14.16 -66.43 25.57
C ALA C 246 15.64 -66.09 25.53
N ASP C 247 16.12 -65.28 26.46
CA ASP C 247 17.42 -64.67 26.19
C ASP C 247 17.91 -63.92 27.43
N ASN C 248 19.20 -63.54 27.39
CA ASN C 248 19.80 -62.71 28.42
C ASN C 248 19.56 -61.28 28.00
N ALA C 249 19.09 -60.45 28.94
CA ALA C 249 18.48 -59.15 28.64
C ALA C 249 19.25 -58.34 27.60
N ALA C 250 20.56 -58.52 27.50
CA ALA C 250 21.28 -57.81 26.43
C ALA C 250 20.79 -58.26 25.06
N GLN C 251 20.57 -59.57 24.88
CA GLN C 251 20.12 -60.07 23.59
C GLN C 251 18.77 -59.47 23.19
N VAL C 252 17.87 -59.33 24.17
CA VAL C 252 16.61 -58.66 23.94
C VAL C 252 16.83 -57.20 23.55
N LYS C 253 17.75 -56.52 24.25
CA LYS C 253 18.02 -55.13 23.93
C LYS C 253 18.41 -54.98 22.46
N ASP C 254 19.28 -55.88 21.96
CA ASP C 254 19.83 -55.72 20.62
C ASP C 254 18.73 -55.58 19.58
N ALA C 255 17.73 -56.47 19.63
CA ALA C 255 16.56 -56.39 18.76
C ALA C 255 15.81 -55.06 18.90
N LEU C 256 15.61 -54.60 20.14
CA LEU C 256 14.91 -53.34 20.37
C LEU C 256 15.67 -52.18 19.75
N THR C 257 17.01 -52.23 19.78
CA THR C 257 17.82 -51.16 19.22
C THR C 257 17.52 -50.96 17.74
N LYS C 258 17.44 -52.05 16.99
CA LYS C 258 17.09 -51.97 15.58
C LYS C 258 15.68 -51.42 15.41
N MET C 259 14.73 -51.87 16.26
CA MET C 259 13.34 -51.47 16.12
C MET C 259 13.16 -49.97 16.22
N ARG C 260 13.87 -49.31 17.13
CA ARG C 260 13.72 -47.86 17.23
C ARG C 260 14.21 -47.19 15.97
N ALA C 261 15.17 -47.79 15.27
CA ALA C 261 15.67 -47.22 14.01
C ALA C 261 14.64 -47.31 12.90
N ALA C 262 14.03 -48.49 12.73
CA ALA C 262 12.91 -48.67 11.81
C ALA C 262 11.71 -47.82 12.24
N ALA C 263 11.41 -47.77 13.54
CA ALA C 263 10.31 -46.95 13.99
C ALA C 263 10.51 -45.51 13.58
N LEU C 264 11.62 -44.91 14.04
CA LEU C 264 11.88 -43.51 13.72
C LEU C 264 11.98 -43.29 12.21
N ASP C 265 12.64 -44.19 11.48
CA ASP C 265 12.88 -43.99 10.05
C ASP C 265 11.57 -44.02 9.25
N ALA C 266 10.59 -44.83 9.68
CA ALA C 266 9.28 -44.78 9.04
C ALA C 266 8.55 -43.48 9.38
N GLN C 267 8.65 -43.04 10.63
CA GLN C 267 8.09 -41.75 11.01
C GLN C 267 8.71 -40.62 10.19
N LYS C 268 10.04 -40.63 10.05
CA LYS C 268 10.77 -39.51 9.45
C LYS C 268 10.47 -39.35 7.98
N ALA C 269 9.79 -40.31 7.34
CA ALA C 269 9.30 -40.17 5.99
C ALA C 269 7.88 -40.77 5.88
N THR C 270 6.86 -39.97 6.20
CA THR C 270 5.50 -40.52 6.25
C THR C 270 4.50 -39.71 5.43
N PRO C 271 3.97 -40.25 4.33
CA PRO C 271 3.01 -39.50 3.50
C PRO C 271 1.64 -39.45 4.15
N PRO C 272 0.66 -38.79 3.52
CA PRO C 272 -0.72 -38.53 3.92
C PRO C 272 -1.38 -39.75 4.54
N ASP C 280 -6.59 -35.82 13.81
CA ASP C 280 -6.72 -36.00 12.37
C ASP C 280 -5.42 -36.55 11.75
N SER C 281 -4.79 -35.75 10.89
CA SER C 281 -3.39 -36.06 10.57
C SER C 281 -2.46 -35.83 11.77
N PRO C 282 -2.82 -35.04 12.79
CA PRO C 282 -2.04 -35.13 14.05
C PRO C 282 -2.14 -36.49 14.72
N GLU C 283 -3.30 -37.16 14.63
CA GLU C 283 -3.41 -38.52 15.14
C GLU C 283 -2.46 -39.44 14.38
N MET C 284 -2.46 -39.33 13.04
CA MET C 284 -1.53 -40.09 12.20
C MET C 284 -0.10 -39.69 12.50
N LYS C 285 0.12 -38.44 12.84
CA LYS C 285 1.43 -37.94 13.24
C LYS C 285 1.81 -38.43 14.64
N ASP C 286 0.89 -39.09 15.35
CA ASP C 286 1.19 -39.65 16.67
C ASP C 286 1.70 -41.08 16.51
N PHE C 287 2.68 -41.11 15.60
CA PHE C 287 3.68 -42.14 15.45
C PHE C 287 4.65 -42.08 16.61
N ARG C 288 4.55 -41.02 17.43
CA ARG C 288 5.57 -40.70 18.44
C ARG C 288 5.59 -41.74 19.56
N HIS C 289 4.41 -42.04 20.14
CA HIS C 289 4.35 -43.14 21.11
C HIS C 289 4.69 -44.48 20.46
N GLY C 290 4.27 -44.70 19.20
CA GLY C 290 4.77 -45.86 18.48
C GLY C 290 6.28 -45.86 18.37
N PHE C 291 6.89 -44.68 18.21
CA PHE C 291 8.35 -44.55 18.09
C PHE C 291 9.02 -44.34 19.43
N ASP C 292 8.25 -44.24 20.52
CA ASP C 292 8.79 -44.15 21.87
C ASP C 292 8.17 -45.17 22.83
N ILE C 293 7.28 -46.05 22.34
CA ILE C 293 6.90 -47.21 23.13
C ILE C 293 8.10 -48.13 23.33
N LEU C 294 8.96 -48.21 22.31
CA LEU C 294 10.23 -48.94 22.39
C LEU C 294 11.19 -48.20 23.31
N VAL C 295 11.24 -46.87 23.18
CA VAL C 295 11.95 -46.03 24.13
C VAL C 295 11.43 -46.25 25.53
N GLY C 296 10.09 -46.38 25.67
CA GLY C 296 9.52 -46.70 26.97
C GLY C 296 9.96 -48.04 27.50
N GLN C 297 10.07 -49.03 26.63
CA GLN C 297 10.54 -50.35 27.01
C GLN C 297 12.03 -50.54 26.78
N ILE C 298 12.74 -49.49 26.35
CA ILE C 298 14.19 -49.55 26.26
C ILE C 298 14.81 -49.56 27.64
N ASP C 299 14.45 -48.59 28.48
CA ASP C 299 14.98 -48.53 29.85
C ASP C 299 14.73 -49.83 30.59
N ASP C 300 13.54 -50.43 30.41
CA ASP C 300 13.22 -51.68 31.11
C ASP C 300 14.09 -52.84 30.59
N ALA C 301 14.56 -52.73 29.33
CA ALA C 301 15.50 -53.73 28.77
C ALA C 301 16.93 -53.44 29.20
N LEU C 302 17.28 -52.16 29.36
CA LEU C 302 18.55 -51.82 30.00
C LEU C 302 18.54 -52.19 31.48
N LYS C 303 17.57 -51.66 32.24
CA LYS C 303 17.50 -52.02 33.66
C LYS C 303 17.33 -53.53 33.84
N LEU C 304 16.47 -54.16 33.03
CA LEU C 304 16.10 -55.57 33.16
C LEU C 304 15.43 -55.87 34.52
N LYS C 309 14.75 -58.17 31.78
CA LYS C 309 14.23 -58.64 30.50
C LYS C 309 12.73 -58.94 30.61
N VAL C 310 12.37 -59.69 31.66
CA VAL C 310 11.02 -60.25 31.74
C VAL C 310 10.00 -59.14 31.85
N LYS C 311 10.35 -58.02 32.49
CA LYS C 311 9.50 -56.84 32.45
C LYS C 311 9.57 -56.16 31.08
N GLU C 312 10.76 -56.12 30.46
CA GLU C 312 10.89 -55.43 29.17
C GLU C 312 10.23 -56.20 28.05
N ALA C 313 10.54 -57.48 27.91
CA ALA C 313 9.95 -58.26 26.82
C ALA C 313 8.44 -58.11 26.78
N GLN C 314 7.80 -57.99 27.95
CA GLN C 314 6.35 -57.79 28.00
C GLN C 314 5.97 -56.36 27.69
N ALA C 315 6.90 -55.42 27.90
CA ALA C 315 6.62 -54.01 27.67
C ALA C 315 6.50 -53.67 26.18
N ALA C 316 7.34 -54.27 25.34
CA ALA C 316 7.18 -54.12 23.89
C ALA C 316 5.98 -54.91 23.38
N ALA C 317 5.92 -56.22 23.73
CA ALA C 317 4.87 -57.10 23.21
C ALA C 317 3.49 -56.55 23.52
N GLU C 318 3.18 -56.43 24.81
CA GLU C 318 1.88 -55.89 25.18
C GLU C 318 1.64 -54.55 24.51
N GLN C 319 2.63 -53.68 24.52
CA GLN C 319 2.29 -52.36 24.03
C GLN C 319 2.35 -52.25 22.50
N LEU C 320 2.78 -53.30 21.78
CA LEU C 320 2.88 -53.21 20.32
C LEU C 320 1.88 -54.10 19.59
N LYS C 321 1.84 -55.40 19.93
CA LYS C 321 0.93 -56.39 19.35
C LYS C 321 -0.48 -56.24 19.90
N THR C 322 -0.61 -55.93 21.21
CA THR C 322 -1.89 -55.89 21.90
C THR C 322 -2.43 -54.46 22.07
N THR C 323 -2.11 -53.56 21.14
CA THR C 323 -2.63 -52.20 21.18
C THR C 323 -3.05 -51.77 19.78
N ARG C 324 -4.14 -51.01 19.71
CA ARG C 324 -4.72 -50.72 18.41
C ARG C 324 -3.83 -49.79 17.60
N ASN C 325 -2.98 -49.01 18.27
CA ASN C 325 -2.17 -47.99 17.59
C ASN C 325 -1.52 -48.56 16.35
N ALA C 326 -0.67 -49.56 16.51
CA ALA C 326 0.17 -49.95 15.40
C ALA C 326 -0.68 -50.37 14.22
N TYR C 327 -1.79 -51.09 14.46
CA TYR C 327 -2.60 -51.59 13.35
C TYR C 327 -3.17 -50.44 12.57
N ILE C 328 -3.39 -49.32 13.25
CA ILE C 328 -3.91 -48.15 12.56
C ILE C 328 -2.84 -47.57 11.64
N GLN C 329 -1.58 -47.55 12.09
CA GLN C 329 -0.51 -46.94 11.30
C GLN C 329 -0.10 -47.79 10.11
N LYS C 330 0.04 -49.11 10.29
CA LYS C 330 0.29 -49.95 9.14
C LYS C 330 -0.84 -49.85 8.13
N TYR C 331 -2.09 -49.95 8.59
CA TYR C 331 -3.23 -49.92 7.67
C TYR C 331 -3.28 -48.62 6.84
N LEU C 332 -3.20 -47.46 7.48
CA LEU C 332 -3.14 -46.20 6.73
C LEU C 332 -1.91 -46.14 5.82
N THR C 333 -0.72 -46.41 6.37
CA THR C 333 0.49 -46.60 5.56
C THR C 333 0.20 -47.54 4.39
N MET C 334 -0.10 -48.80 4.70
CA MET C 334 -0.18 -49.80 3.65
C MET C 334 -1.28 -49.52 2.65
N GLN C 335 -2.12 -48.52 2.90
CA GLN C 335 -3.22 -48.21 2.01
C GLN C 335 -2.90 -47.08 1.07
N SER C 336 -2.20 -46.06 1.56
CA SER C 336 -1.90 -44.92 0.72
C SER C 336 -1.05 -45.36 -0.47
N ILE C 337 -0.19 -46.34 -0.25
CA ILE C 337 0.65 -46.78 -1.35
C ILE C 337 -0.19 -47.44 -2.43
N SER C 338 -1.39 -47.92 -2.10
CA SER C 338 -2.30 -48.44 -3.13
C SER C 338 -3.14 -47.32 -3.76
N ASN C 339 -3.56 -46.33 -2.98
CA ASN C 339 -4.19 -45.16 -3.57
C ASN C 339 -3.23 -44.47 -4.51
N GLU C 340 -1.95 -44.37 -4.11
CA GLU C 340 -0.95 -43.73 -4.96
C GLU C 340 -0.70 -44.57 -6.22
N GLN C 341 -0.59 -45.90 -6.05
CA GLN C 341 -0.31 -46.80 -7.17
C GLN C 341 -1.47 -46.87 -8.13
N LYS C 342 -2.70 -46.80 -7.62
CA LYS C 342 -3.89 -46.79 -8.47
C LYS C 342 -4.01 -45.48 -9.23
N ALA C 343 -3.78 -44.34 -8.58
CA ALA C 343 -3.90 -43.07 -9.28
C ALA C 343 -2.87 -42.95 -10.41
N CYS C 344 -1.62 -43.37 -10.17
CA CYS C 344 -0.63 -43.45 -11.26
C CYS C 344 -1.04 -44.37 -12.39
N LYS C 345 -1.72 -45.48 -12.12
CA LYS C 345 -2.14 -46.29 -13.25
C LYS C 345 -3.12 -45.50 -14.10
N VAL C 346 -4.01 -44.73 -13.47
CA VAL C 346 -4.96 -43.94 -14.23
C VAL C 346 -4.24 -42.85 -15.00
N LEU C 347 -3.48 -42.01 -14.30
CA LEU C 347 -2.79 -40.93 -14.98
C LEU C 347 -1.92 -41.45 -16.11
N GLY C 348 -1.28 -42.60 -15.89
CA GLY C 348 -0.54 -43.22 -16.97
C GLY C 348 -1.37 -43.46 -18.20
N ILE C 349 -2.59 -43.99 -18.03
CA ILE C 349 -3.43 -44.30 -19.19
C ILE C 349 -3.76 -43.04 -19.98
N VAL C 350 -4.06 -41.93 -19.30
CA VAL C 350 -4.44 -40.73 -20.03
C VAL C 350 -3.24 -40.14 -20.79
N PHE C 351 -2.01 -40.31 -20.25
CA PHE C 351 -0.80 -40.01 -21.01
C PHE C 351 -0.65 -40.92 -22.21
N PHE C 352 -0.71 -42.23 -22.01
CA PHE C 352 -0.44 -43.15 -23.09
C PHE C 352 -1.47 -43.00 -24.21
N LEU C 353 -2.74 -42.83 -23.84
CA LEU C 353 -3.75 -42.61 -24.87
C LEU C 353 -3.40 -41.39 -25.72
N PHE C 354 -3.11 -40.25 -25.08
CA PHE C 354 -2.86 -39.01 -25.81
C PHE C 354 -1.60 -39.11 -26.66
N VAL C 355 -0.51 -39.63 -26.12
CA VAL C 355 0.69 -39.64 -26.94
C VAL C 355 0.52 -40.64 -28.07
N VAL C 356 -0.02 -41.81 -27.79
CA VAL C 356 -0.16 -42.83 -28.84
C VAL C 356 -1.09 -42.36 -29.95
N MET C 357 -2.21 -41.72 -29.59
CA MET C 357 -3.19 -41.33 -30.60
C MET C 357 -2.65 -40.25 -31.54
N TRP C 358 -1.70 -39.41 -31.11
CA TRP C 358 -1.21 -38.34 -31.98
C TRP C 358 0.11 -38.66 -32.64
N CYS C 359 0.76 -39.75 -32.25
CA CYS C 359 2.01 -40.10 -32.89
C CYS C 359 1.84 -40.32 -34.39
N PRO C 360 0.77 -40.97 -34.89
CA PRO C 360 0.58 -41.09 -36.36
C PRO C 360 0.49 -39.77 -37.15
N PHE C 361 -0.22 -38.76 -36.63
CA PHE C 361 -0.38 -37.47 -37.31
C PHE C 361 0.91 -36.68 -37.38
N PHE C 362 1.79 -36.93 -36.42
CA PHE C 362 3.04 -36.20 -36.32
C PHE C 362 4.21 -36.91 -36.99
N ILE C 363 4.33 -38.23 -36.89
CA ILE C 363 5.46 -38.85 -37.59
C ILE C 363 5.22 -38.79 -39.09
N THR C 364 3.96 -38.87 -39.52
CA THR C 364 3.69 -38.73 -40.95
C THR C 364 3.89 -37.28 -41.40
N ASN C 365 3.46 -36.29 -40.62
CA ASN C 365 3.66 -34.91 -41.07
C ASN C 365 5.12 -34.61 -41.31
N ILE C 366 6.02 -35.16 -40.48
CA ILE C 366 7.43 -34.91 -40.72
C ILE C 366 7.87 -35.71 -41.95
N MET C 367 7.23 -36.84 -42.23
CA MET C 367 7.45 -37.50 -43.50
C MET C 367 6.99 -36.62 -44.66
N ALA C 368 5.89 -35.89 -44.49
CA ALA C 368 5.44 -35.06 -45.59
C ALA C 368 6.49 -34.02 -45.95
N VAL C 369 7.33 -33.61 -44.98
CA VAL C 369 8.35 -32.62 -45.28
C VAL C 369 9.56 -33.27 -45.88
N ILE C 370 10.01 -34.38 -45.28
CA ILE C 370 11.21 -35.08 -45.71
C ILE C 370 11.03 -35.79 -47.07
N CYS C 371 9.81 -36.16 -47.40
CA CYS C 371 9.53 -36.87 -48.64
C CYS C 371 8.91 -35.98 -49.73
N LYS C 372 9.13 -34.66 -49.68
CA LYS C 372 8.47 -33.80 -50.65
C LYS C 372 8.89 -34.17 -52.06
N GLU C 373 10.15 -34.54 -52.24
CA GLU C 373 10.61 -35.21 -53.44
C GLU C 373 10.65 -36.70 -53.16
N SER C 374 10.39 -37.49 -54.20
CA SER C 374 10.46 -38.94 -54.26
C SER C 374 9.33 -39.65 -53.48
N CYS C 375 8.53 -38.94 -52.69
CA CYS C 375 7.42 -39.57 -51.96
C CYS C 375 6.12 -38.92 -52.43
N ASN C 376 5.16 -39.76 -52.83
CA ASN C 376 3.89 -39.24 -53.32
C ASN C 376 3.13 -38.60 -52.18
N GLU C 377 2.88 -37.29 -52.28
CA GLU C 377 2.16 -36.58 -51.21
C GLU C 377 0.65 -36.66 -51.36
N ASP C 378 0.17 -37.38 -52.37
CA ASP C 378 -1.26 -37.60 -52.56
C ASP C 378 -1.80 -38.54 -51.50
N VAL C 379 -1.08 -39.63 -51.22
CA VAL C 379 -1.54 -40.51 -50.16
C VAL C 379 -1.34 -39.85 -48.80
N ILE C 380 -0.24 -39.11 -48.61
CA ILE C 380 0.04 -38.55 -47.29
C ILE C 380 -1.08 -37.61 -46.84
N GLY C 381 -1.55 -36.74 -47.75
CA GLY C 381 -2.74 -35.97 -47.43
C GLY C 381 -3.90 -36.85 -47.03
N ALA C 382 -4.10 -37.98 -47.73
CA ALA C 382 -5.19 -38.89 -47.40
C ALA C 382 -4.94 -39.63 -46.10
N LEU C 383 -3.67 -39.85 -45.75
CA LEU C 383 -3.36 -40.38 -44.43
C LEU C 383 -3.61 -39.33 -43.36
N LEU C 384 -3.31 -38.06 -43.65
CA LEU C 384 -3.39 -37.06 -42.59
C LEU C 384 -4.83 -36.78 -42.14
N ASN C 385 -5.86 -36.98 -42.99
CA ASN C 385 -7.21 -36.69 -42.48
C ASN C 385 -7.83 -37.84 -41.69
N VAL C 386 -7.43 -39.07 -41.95
CA VAL C 386 -7.85 -40.07 -40.99
C VAL C 386 -7.04 -39.91 -39.69
N PHE C 387 -5.76 -39.52 -39.80
CA PHE C 387 -4.86 -39.48 -38.64
C PHE C 387 -5.13 -38.29 -37.73
N VAL C 388 -5.72 -37.22 -38.26
CA VAL C 388 -6.04 -36.11 -37.37
C VAL C 388 -7.25 -36.47 -36.52
N TRP C 389 -8.20 -37.23 -37.07
CA TRP C 389 -9.37 -37.63 -36.29
C TRP C 389 -9.09 -38.78 -35.35
N ILE C 390 -8.08 -39.60 -35.64
CA ILE C 390 -7.62 -40.53 -34.61
C ILE C 390 -7.13 -39.74 -33.42
N GLY C 391 -6.36 -38.68 -33.68
CA GLY C 391 -5.88 -37.84 -32.61
C GLY C 391 -6.95 -36.92 -32.07
N TYR C 392 -7.76 -36.30 -32.95
CA TYR C 392 -8.69 -35.30 -32.44
C TYR C 392 -9.58 -35.89 -31.35
N ALA C 393 -9.88 -37.16 -31.47
CA ALA C 393 -10.80 -37.81 -30.58
C ALA C 393 -10.12 -38.29 -29.32
N SER C 394 -8.82 -38.02 -29.15
CA SER C 394 -8.22 -38.35 -27.87
C SER C 394 -8.75 -37.44 -26.78
N SER C 395 -9.41 -36.34 -27.18
CA SER C 395 -10.03 -35.44 -26.21
C SER C 395 -11.32 -36.00 -25.66
N ALA C 396 -11.88 -36.94 -26.33
CA ALA C 396 -13.03 -37.60 -25.79
C ALA C 396 -12.68 -38.76 -24.88
N VAL C 397 -11.44 -39.26 -24.88
CA VAL C 397 -11.20 -40.41 -24.02
C VAL C 397 -10.86 -40.01 -22.62
N ASN C 398 -10.65 -38.71 -22.36
CA ASN C 398 -10.35 -38.28 -21.00
C ASN C 398 -11.54 -38.51 -20.11
N PRO C 399 -12.72 -37.93 -20.36
CA PRO C 399 -13.79 -38.11 -19.39
C PRO C 399 -14.13 -39.58 -19.23
N LEU C 400 -14.04 -40.33 -20.32
CA LEU C 400 -14.38 -41.74 -20.28
C LEU C 400 -13.44 -42.49 -19.37
N VAL C 401 -12.16 -42.11 -19.34
CA VAL C 401 -11.20 -42.81 -18.51
C VAL C 401 -11.54 -42.60 -17.04
N TYR C 402 -12.15 -41.47 -16.69
CA TYR C 402 -12.47 -41.29 -15.27
C TYR C 402 -13.66 -42.14 -14.90
N THR C 403 -14.62 -42.14 -15.79
CA THR C 403 -15.87 -42.88 -15.61
C THR C 403 -15.61 -44.35 -15.32
N LEU C 404 -14.75 -44.99 -16.10
CA LEU C 404 -14.46 -46.39 -15.82
C LEU C 404 -13.64 -46.54 -14.55
N PHE C 405 -12.76 -45.58 -14.23
CA PHE C 405 -11.82 -45.84 -13.16
C PHE C 405 -11.98 -45.02 -11.90
N ASN C 406 -12.61 -43.86 -11.90
CA ASN C 406 -12.69 -43.10 -10.67
C ASN C 406 -14.10 -43.12 -10.09
N LYS C 407 -14.25 -43.71 -8.89
CA LYS C 407 -15.59 -43.91 -8.31
C LYS C 407 -16.33 -42.59 -8.14
N THR C 408 -15.66 -41.59 -7.58
CA THR C 408 -16.28 -40.29 -7.34
C THR C 408 -16.68 -39.61 -8.65
N TYR C 409 -15.79 -39.62 -9.67
CA TYR C 409 -16.17 -39.05 -10.98
C TYR C 409 -17.31 -39.84 -11.60
N ARG C 410 -17.23 -41.19 -11.54
CA ARG C 410 -18.22 -42.05 -12.16
C ARG C 410 -19.59 -41.89 -11.53
N SER C 411 -19.65 -42.08 -10.20
CA SER C 411 -20.91 -41.99 -9.47
C SER C 411 -21.50 -40.59 -9.58
N ALA C 412 -20.65 -39.56 -9.69
CA ALA C 412 -21.13 -38.20 -9.92
C ALA C 412 -21.62 -38.02 -11.34
N PHE C 413 -20.94 -38.59 -12.34
CA PHE C 413 -21.32 -38.34 -13.73
C PHE C 413 -22.74 -38.83 -13.98
N SER C 414 -23.05 -40.05 -13.54
CA SER C 414 -24.40 -40.58 -13.68
C SER C 414 -25.41 -39.68 -12.96
N ARG C 415 -25.08 -39.23 -11.75
CA ARG C 415 -25.91 -38.23 -11.09
C ARG C 415 -26.02 -36.98 -11.94
N TYR C 416 -24.90 -36.56 -12.53
CA TYR C 416 -24.83 -35.26 -13.17
C TYR C 416 -25.75 -35.15 -14.38
N ILE C 417 -25.96 -36.25 -15.11
CA ILE C 417 -26.80 -36.14 -16.32
C ILE C 417 -28.26 -35.83 -15.95
N GLN C 418 -28.78 -36.44 -14.87
CA GLN C 418 -30.17 -36.14 -14.53
C GLN C 418 -30.37 -35.13 -13.38
N CYS C 419 -29.89 -35.44 -12.19
CA CYS C 419 -30.20 -34.68 -10.97
C CYS C 419 -28.90 -34.32 -10.28
N GLN C 420 -28.64 -33.01 -10.13
CA GLN C 420 -27.39 -32.42 -9.57
C GLN C 420 -26.36 -33.42 -9.03
#